data_8G4P
#
_entry.id   8G4P
#
_cell.length_a   136.302
_cell.length_b   136.794
_cell.length_c   96.819
_cell.angle_alpha   90.000
_cell.angle_beta   127.340
_cell.angle_gamma   90.000
#
_symmetry.space_group_name_H-M   'C 1 2 1'
#
loop_
_entity.id
_entity.type
_entity.pdbx_description
1 polymer '13t1 Fab heavy chain'
2 polymer '13T1 Fab light chain'
3 polymer '13T5 Fab heavy chain'
4 polymer '13T5 Fab light chain'
5 polymer 'Ara h 2 allergen'
6 non-polymer 1,2-ETHANEDIOL
7 non-polymer 'CHLORIDE ION'
8 non-polymer 'SULFATE ION'
9 non-polymer 2-acetamido-2-deoxy-beta-D-glucopyranose
10 water water
#
loop_
_entity_poly.entity_id
_entity_poly.type
_entity_poly.pdbx_seq_one_letter_code
_entity_poly.pdbx_strand_id
1 'polypeptide(L)'
;EVQLVESGGGVVQPGGSLRLSCVASGFKFQNYGMSWVRQAPGKGLEWVADISGSDESTYYADSVKGRFTISRDTSKNTLH
LQMSSPRAEDTALYYCAKATAPAGKYYYYGMDVWGQGTTVTVSSASTKGPSVFPLAPSSKSTSGGTAALGCLVKDYFPEP
VTVSWNSGALTSGVHTFPAVLQSSGLYSLSSVVTVPSSSLGTQTYICNVNHKPSNTKVDKRVEPKSCDKTH
;
C
2 'polypeptide(L)'
;EIVMTQSPATLSLSPGEIATLSCRASQTVSSYLAWYQLKPGQAPRLLIYDASRRAAGIPARFSGSESGTDFTLTISSLEP
EDSAVYYCHQRSNWPPVHTFGQGTKLEIKRTVAAPSVFIFPPSDEQLKSGTASVVCLLNNFYPREAKVQWKVDNALQSGN
SQESVTEQDSKDSTYSLSSTLTLSKADYEKHKVYACEVTHQGLSSPVTKSFNRGEC
;
D
3 'polypeptide(L)'
;QVQLQESGPGLVKPSETLSLTCTVSGGSMSSYYWGWIRQPAGRGLEWIGRIFTTGSTIYNASLNSRVSMSVDTSKNQFSL
KLTSVTAADTALYFCVRDRRGRSHDSNWYWYFDLWGRGTLVTVSSASTKGPSVFPLAPSSKSTSGGTAALGCLVKDYFPE
PVTVSWNSGALTSGVHTFPAVLQSSGLYSLSSVVTVPSSSLGTQTYICNVNHKPSNTKVDKRVEPKSCDKTH
;
A
4 'polypeptide(L)'
;DIVMTQSPSSLSASVGDRVIITCRTSQTLSRNLNWYQQKPGEAPKLLIYGASTLQSGVPSRFTGSGSGTDFTLIISSLQP
EDFATYYCQQSDNTPRTFGQGTKVEIKRTVAAPSVFIFPPSDEQLKSGTASVVCLLNNFYPREAKVQWKVDNALQSGNSQ
ESVTEQDSKDSTYSLSSTLTLSKADYEKHKVYACEVTHQGLSSPVTKSFNRGEC
;
B
5 'polypeptide(L)'
;GSAAARRCQSQLERANLRPCEQHLMQKIQRDEDSYERDPYSPSQDPYSPSPYDRRGAGSSQHQERCCNELNEFENNQRCM
CEALQQIMENQSDRLQGRQQEQQFKRELRNLPQQCGLRAPQRCDLDVESGGRDRY
;
E
#
loop_
_chem_comp.id
_chem_comp.type
_chem_comp.name
_chem_comp.formula
CL non-polymer 'CHLORIDE ION' 'Cl -1'
EDO non-polymer 1,2-ETHANEDIOL 'C2 H6 O2'
NAG D-saccharide, beta linking 2-acetamido-2-deoxy-beta-D-glucopyranose 'C8 H15 N O6'
SO4 non-polymer 'SULFATE ION' 'O4 S -2'
#
# COMPACT_ATOMS: atom_id res chain seq x y z
N GLU A 1 33.96 -16.10 -8.97
CA GLU A 1 32.96 -15.06 -9.35
C GLU A 1 31.58 -15.49 -8.88
N VAL A 2 30.70 -14.53 -8.68
CA VAL A 2 29.33 -14.85 -8.30
C VAL A 2 28.61 -15.34 -9.55
N GLN A 3 27.83 -16.40 -9.39
CA GLN A 3 27.13 -17.02 -10.50
C GLN A 3 25.71 -17.39 -10.05
N LEU A 4 24.73 -17.07 -10.89
CA LEU A 4 23.34 -17.45 -10.69
C LEU A 4 22.81 -18.06 -11.98
N VAL A 5 22.28 -19.29 -11.89
CA VAL A 5 21.79 -20.04 -13.05
C VAL A 5 20.35 -20.44 -12.80
N GLU A 6 19.41 -19.80 -13.50
CA GLU A 6 17.99 -20.08 -13.38
C GLU A 6 17.59 -21.25 -14.28
N SER A 7 16.59 -22.00 -13.83
CA SER A 7 16.14 -23.17 -14.57
C SER A 7 14.65 -23.37 -14.32
N GLY A 8 14.07 -24.28 -15.10
CA GLY A 8 12.71 -24.74 -14.88
C GLY A 8 11.64 -24.03 -15.68
N GLY A 9 12.02 -23.08 -16.54
CA GLY A 9 11.06 -22.44 -17.40
C GLY A 9 10.50 -23.39 -18.43
N GLY A 10 9.49 -22.90 -19.13
CA GLY A 10 8.78 -23.71 -20.10
C GLY A 10 7.39 -23.14 -20.31
N VAL A 11 6.45 -24.04 -20.60
CA VAL A 11 5.05 -23.68 -20.77
C VAL A 11 4.27 -24.22 -19.59
N VAL A 12 3.28 -23.44 -19.14
CA VAL A 12 2.42 -23.81 -18.04
C VAL A 12 0.98 -23.55 -18.46
N GLN A 13 0.12 -24.54 -18.25
CA GLN A 13 -1.29 -24.34 -18.54
C GLN A 13 -1.88 -23.39 -17.50
N PRO A 14 -2.83 -22.54 -17.88
CA PRO A 14 -3.44 -21.66 -16.87
C PRO A 14 -4.21 -22.49 -15.85
N GLY A 15 -3.84 -22.34 -14.58
CA GLY A 15 -4.31 -23.21 -13.52
C GLY A 15 -3.45 -24.41 -13.22
N GLY A 16 -2.21 -24.45 -13.72
CA GLY A 16 -1.25 -25.49 -13.42
C GLY A 16 -0.21 -25.05 -12.42
N SER A 17 0.92 -25.77 -12.39
CA SER A 17 1.99 -25.48 -11.45
C SER A 17 3.35 -25.62 -12.12
N LEU A 18 4.28 -24.76 -11.73
CA LEU A 18 5.65 -24.77 -12.22
C LEU A 18 6.59 -24.28 -11.13
N ARG A 19 7.65 -25.04 -10.88
CA ARG A 19 8.70 -24.63 -9.95
C ARG A 19 9.90 -24.16 -10.74
N LEU A 20 10.25 -22.88 -10.57
CA LEU A 20 11.51 -22.35 -11.05
C LEU A 20 12.59 -22.53 -10.00
N SER A 21 13.83 -22.69 -10.46
CA SER A 21 14.98 -22.86 -9.59
C SER A 21 16.07 -21.89 -10.01
N CYS A 22 16.96 -21.61 -9.07
CA CYS A 22 18.13 -20.76 -9.31
C CYS A 22 19.24 -21.25 -8.40
N VAL A 23 20.32 -21.74 -8.98
CA VAL A 23 21.47 -22.24 -8.23
C VAL A 23 22.49 -21.12 -8.13
N ALA A 24 22.96 -20.88 -6.91
CA ALA A 24 23.84 -19.77 -6.58
C ALA A 24 25.20 -20.28 -6.16
N SER A 25 26.23 -19.52 -6.51
CA SER A 25 27.60 -19.91 -6.19
C SER A 25 28.49 -18.69 -6.22
N GLY A 26 29.69 -18.84 -5.66
CA GLY A 26 30.69 -17.79 -5.59
C GLY A 26 30.51 -16.81 -4.44
N PHE A 27 29.60 -17.08 -3.51
CA PHE A 27 29.37 -16.19 -2.37
C PHE A 27 28.64 -16.96 -1.28
N LYS A 28 28.61 -16.38 -0.08
CA LYS A 28 27.98 -17.03 1.06
C LYS A 28 26.47 -16.86 0.94
N PHE A 29 25.85 -17.84 0.28
CA PHE A 29 24.43 -17.78 -0.08
C PHE A 29 23.55 -17.51 1.15
N GLN A 30 23.93 -18.08 2.29
CA GLN A 30 23.11 -17.93 3.49
C GLN A 30 23.10 -16.50 4.02
N ASN A 31 24.03 -15.64 3.60
CA ASN A 31 24.23 -14.32 4.19
C ASN A 31 23.67 -13.18 3.33
N TYR A 32 22.79 -13.48 2.37
CA TYR A 32 22.26 -12.44 1.48
C TYR A 32 20.78 -12.67 1.22
N GLY A 33 20.02 -11.58 1.18
CA GLY A 33 18.69 -11.65 0.60
C GLY A 33 18.75 -11.97 -0.89
N MET A 34 17.67 -12.59 -1.39
CA MET A 34 17.55 -12.97 -2.79
C MET A 34 16.16 -12.57 -3.28
N SER A 35 16.06 -12.38 -4.59
CA SER A 35 14.85 -11.85 -5.19
C SER A 35 14.62 -12.50 -6.55
N TRP A 36 13.34 -12.54 -6.94
CA TRP A 36 12.94 -12.82 -8.31
C TRP A 36 12.41 -11.53 -8.91
N VAL A 37 12.89 -11.21 -10.10
CA VAL A 37 12.41 -10.08 -10.90
C VAL A 37 12.12 -10.65 -12.28
N ARG A 38 11.01 -10.21 -12.88
CA ARG A 38 10.58 -10.72 -14.18
C ARG A 38 10.48 -9.59 -15.19
N GLN A 39 10.48 -9.99 -16.48
CA GLN A 39 10.33 -9.06 -17.60
C GLN A 39 9.39 -9.70 -18.61
N ALA A 40 8.18 -9.19 -18.70
CA ALA A 40 7.22 -9.66 -19.67
C ALA A 40 7.60 -9.13 -21.06
N PRO A 41 7.21 -9.82 -22.14
CA PRO A 41 7.71 -9.44 -23.46
C PRO A 41 7.22 -8.07 -23.88
N GLY A 42 8.16 -7.22 -24.31
CA GLY A 42 7.83 -5.85 -24.63
C GLY A 42 7.50 -4.99 -23.43
N LYS A 43 8.04 -5.31 -22.26
CA LYS A 43 7.80 -4.55 -21.04
C LYS A 43 9.10 -4.47 -20.26
N GLY A 44 9.06 -3.71 -19.16
CA GLY A 44 10.23 -3.47 -18.34
C GLY A 44 10.37 -4.50 -17.23
N LEU A 45 11.30 -4.21 -16.33
CA LEU A 45 11.48 -5.06 -15.17
C LEU A 45 10.30 -4.90 -14.21
N GLU A 46 9.91 -6.01 -13.58
CA GLU A 46 8.85 -6.03 -12.58
C GLU A 46 9.30 -6.93 -11.46
N TRP A 47 9.36 -6.39 -10.25
CA TRP A 47 9.74 -7.18 -9.09
C TRP A 47 8.66 -8.20 -8.78
N VAL A 48 9.09 -9.40 -8.39
CA VAL A 48 8.18 -10.50 -8.08
C VAL A 48 8.17 -10.78 -6.58
N ALA A 49 9.34 -11.07 -5.99
CA ALA A 49 9.38 -11.51 -4.61
C ALA A 49 10.80 -11.36 -4.06
N ASP A 50 10.88 -11.14 -2.74
CA ASP A 50 12.12 -11.14 -1.96
C ASP A 50 12.04 -12.20 -0.88
N ILE A 51 13.21 -12.63 -0.40
CA ILE A 51 13.33 -13.49 0.77
C ILE A 51 14.55 -13.05 1.54
N SER A 52 14.43 -12.97 2.87
CA SER A 52 15.50 -12.43 3.69
C SER A 52 16.55 -13.51 3.96
N GLY A 53 17.82 -13.08 3.97
CA GLY A 53 18.92 -13.93 4.44
C GLY A 53 19.07 -13.99 5.94
N SER A 54 18.31 -13.18 6.69
CA SER A 54 18.31 -13.24 8.15
C SER A 54 17.37 -14.31 8.65
N ASP A 55 16.06 -14.16 8.39
CA ASP A 55 15.03 -15.00 8.97
C ASP A 55 14.12 -15.68 7.96
N GLU A 56 14.43 -15.59 6.65
CA GLU A 56 13.63 -16.21 5.60
C GLU A 56 12.20 -15.68 5.58
N SER A 57 11.99 -14.44 6.01
CA SER A 57 10.71 -13.79 5.74
C SER A 57 10.62 -13.44 4.27
N THR A 58 9.40 -13.50 3.74
CA THR A 58 9.14 -13.38 2.31
C THR A 58 8.24 -12.18 2.05
N TYR A 59 8.46 -11.54 0.90
CA TYR A 59 7.71 -10.37 0.48
C TYR A 59 7.38 -10.48 -1.01
N TYR A 60 6.18 -10.04 -1.37
CA TYR A 60 5.62 -10.31 -2.70
C TYR A 60 5.01 -9.03 -3.27
N ALA A 61 5.12 -8.88 -4.59
CA ALA A 61 4.37 -7.85 -5.29
C ALA A 61 2.87 -8.17 -5.26
N ASP A 62 2.06 -7.11 -5.24
CA ASP A 62 0.62 -7.28 -5.03
C ASP A 62 0.00 -8.13 -6.12
N SER A 63 0.51 -8.02 -7.36
CA SER A 63 -0.06 -8.77 -8.46
C SER A 63 0.18 -10.27 -8.36
N VAL A 64 1.12 -10.72 -7.52
CA VAL A 64 1.44 -12.13 -7.39
C VAL A 64 1.19 -12.69 -6.00
N LYS A 65 0.88 -11.85 -5.01
CA LYS A 65 0.65 -12.33 -3.65
C LYS A 65 -0.48 -13.34 -3.62
N GLY A 66 -0.20 -14.52 -3.06
CA GLY A 66 -1.17 -15.59 -2.94
C GLY A 66 -1.18 -16.59 -4.06
N ARG A 67 -0.40 -16.35 -5.13
CA ARG A 67 -0.24 -17.29 -6.24
C ARG A 67 1.16 -17.89 -6.30
N PHE A 68 2.20 -17.08 -6.07
CA PHE A 68 3.58 -17.54 -6.12
C PHE A 68 4.12 -17.73 -4.69
N THR A 69 5.20 -18.49 -4.59
CA THR A 69 5.88 -18.75 -3.33
C THR A 69 7.38 -18.75 -3.58
N ILE A 70 8.09 -17.80 -2.97
CA ILE A 70 9.54 -17.78 -2.97
C ILE A 70 10.04 -18.58 -1.77
N SER A 71 11.12 -19.35 -1.99
CA SER A 71 11.70 -20.17 -0.94
C SER A 71 13.19 -20.38 -1.23
N ARG A 72 13.86 -20.94 -0.24
CA ARG A 72 15.32 -20.98 -0.12
C ARG A 72 15.70 -22.38 0.33
N ASP A 73 16.72 -22.97 -0.29
CA ASP A 73 17.25 -24.28 0.09
C ASP A 73 18.73 -24.07 0.35
N THR A 74 19.04 -23.69 1.59
CA THR A 74 20.41 -23.32 1.94
C THR A 74 21.37 -24.50 1.77
N SER A 75 20.86 -25.74 1.94
CA SER A 75 21.72 -26.92 1.80
C SER A 75 22.19 -27.10 0.37
N LYS A 76 21.33 -26.79 -0.61
CA LYS A 76 21.67 -26.89 -2.02
C LYS A 76 22.03 -25.55 -2.65
N ASN A 77 22.09 -24.47 -1.88
CA ASN A 77 22.39 -23.13 -2.37
C ASN A 77 21.47 -22.75 -3.53
N THR A 78 20.17 -22.96 -3.32
CA THR A 78 19.18 -22.85 -4.39
C THR A 78 18.01 -21.99 -3.96
N LEU A 79 17.61 -21.08 -4.83
CA LEU A 79 16.40 -20.29 -4.69
C LEU A 79 15.31 -20.87 -5.59
N HIS A 80 14.06 -20.73 -5.14
CA HIS A 80 12.92 -21.34 -5.82
C HIS A 80 11.79 -20.35 -5.95
N LEU A 81 11.04 -20.48 -7.05
CA LEU A 81 9.74 -19.82 -7.20
C LEU A 81 8.73 -20.86 -7.66
N GLN A 82 7.74 -21.13 -6.82
CA GLN A 82 6.59 -21.94 -7.20
C GLN A 82 5.54 -21.01 -7.80
N MET A 83 4.96 -21.42 -8.92
CA MET A 83 3.95 -20.64 -9.62
C MET A 83 2.68 -21.48 -9.70
N SER A 84 1.80 -21.33 -8.72
CA SER A 84 0.68 -22.25 -8.52
C SER A 84 -0.64 -21.79 -9.09
N SER A 85 -0.76 -20.53 -9.52
CA SER A 85 -1.97 -20.04 -10.18
C SER A 85 -1.57 -19.13 -11.34
N PRO A 86 -1.05 -19.70 -12.42
CA PRO A 86 -0.58 -18.89 -13.55
C PRO A 86 -1.69 -18.07 -14.19
N ARG A 87 -1.32 -16.90 -14.67
CA ARG A 87 -2.22 -16.00 -15.39
C ARG A 87 -1.49 -15.46 -16.60
N ALA A 88 -2.23 -14.78 -17.48
CA ALA A 88 -1.66 -14.27 -18.72
C ALA A 88 -0.54 -13.27 -18.44
N GLU A 89 -0.69 -12.46 -17.38
CA GLU A 89 0.33 -11.48 -17.02
C GLU A 89 1.63 -12.14 -16.54
N ASP A 90 1.63 -13.44 -16.25
CA ASP A 90 2.82 -14.08 -15.70
C ASP A 90 3.82 -14.50 -16.76
N THR A 91 3.40 -14.56 -18.03
CA THR A 91 4.32 -14.84 -19.13
C THR A 91 5.47 -13.85 -19.17
N ALA A 92 6.67 -14.31 -18.88
CA ALA A 92 7.79 -13.39 -18.72
C ALA A 92 9.09 -14.18 -18.67
N LEU A 93 10.19 -13.45 -18.85
CA LEU A 93 11.51 -13.92 -18.45
C LEU A 93 11.69 -13.64 -16.97
N TYR A 94 12.11 -14.65 -16.22
CA TYR A 94 12.23 -14.57 -14.77
C TYR A 94 13.71 -14.58 -14.39
N TYR A 95 14.14 -13.51 -13.74
CA TYR A 95 15.52 -13.37 -13.28
C TYR A 95 15.62 -13.68 -11.79
N CYS A 96 16.72 -14.32 -11.43
CA CYS A 96 17.17 -14.49 -10.06
C CYS A 96 18.24 -13.43 -9.78
N ALA A 97 18.15 -12.79 -8.60
CA ALA A 97 19.03 -11.67 -8.29
C ALA A 97 19.48 -11.69 -6.84
N LYS A 98 20.77 -11.38 -6.64
CA LYS A 98 21.40 -11.31 -5.33
C LYS A 98 21.40 -9.87 -4.83
N ALA A 99 21.03 -9.67 -3.56
CA ALA A 99 21.14 -8.35 -2.92
C ALA A 99 22.60 -7.95 -2.77
N THR A 100 22.89 -6.68 -3.06
CA THR A 100 24.24 -6.15 -2.86
C THR A 100 24.65 -6.24 -1.40
N ALA A 101 23.85 -5.65 -0.51
CA ALA A 101 24.19 -5.55 0.90
C ALA A 101 23.91 -6.88 1.60
N PRO A 102 24.80 -7.34 2.49
CA PRO A 102 24.50 -8.59 3.22
C PRO A 102 23.25 -8.46 4.08
N ALA A 103 22.73 -9.62 4.49
CA ALA A 103 21.57 -9.64 5.35
C ALA A 103 21.89 -8.97 6.69
N GLY A 104 20.86 -8.36 7.28
CA GLY A 104 21.00 -7.72 8.58
C GLY A 104 21.33 -6.25 8.54
N LYS A 105 21.26 -5.61 7.38
CA LYS A 105 21.55 -4.19 7.21
C LYS A 105 20.26 -3.43 7.03
N TYR A 106 20.14 -2.28 7.70
CA TYR A 106 18.96 -1.44 7.47
C TYR A 106 19.00 -0.80 6.08
N TYR A 107 20.19 -0.52 5.56
CA TYR A 107 20.30 0.12 4.27
C TYR A 107 20.19 -0.91 3.15
N TYR A 108 19.78 -0.43 1.97
CA TYR A 108 19.52 -1.28 0.82
C TYR A 108 20.32 -0.75 -0.36
N TYR A 109 21.17 -1.61 -0.92
CA TYR A 109 22.11 -1.28 -1.97
C TYR A 109 21.79 -1.97 -3.30
N GLY A 110 20.52 -2.31 -3.52
CA GLY A 110 20.13 -2.87 -4.80
C GLY A 110 20.51 -4.34 -4.95
N MET A 111 20.64 -4.74 -6.22
CA MET A 111 20.93 -6.13 -6.59
C MET A 111 22.16 -6.12 -7.50
N ASP A 112 23.29 -6.61 -6.98
CA ASP A 112 24.55 -6.49 -7.69
C ASP A 112 24.88 -7.67 -8.59
N VAL A 113 24.17 -8.79 -8.49
CA VAL A 113 24.34 -9.90 -9.42
C VAL A 113 22.98 -10.45 -9.80
N TRP A 114 22.80 -10.68 -11.10
CA TRP A 114 21.57 -11.18 -11.70
C TRP A 114 21.92 -12.38 -12.57
N GLY A 115 20.98 -13.32 -12.68
CA GLY A 115 21.14 -14.39 -13.63
C GLY A 115 20.69 -13.96 -15.03
N GLN A 116 20.92 -14.84 -16.01
CA GLN A 116 20.45 -14.58 -17.36
C GLN A 116 18.96 -14.83 -17.53
N GLY A 117 18.35 -15.61 -16.65
CA GLY A 117 16.91 -15.75 -16.57
C GLY A 117 16.40 -17.00 -17.24
N THR A 118 15.15 -17.33 -16.95
CA THR A 118 14.47 -18.48 -17.53
C THR A 118 13.07 -18.06 -17.95
N THR A 119 12.62 -18.61 -19.07
CA THR A 119 11.43 -18.11 -19.77
C THR A 119 10.22 -18.96 -19.42
N VAL A 120 9.14 -18.31 -19.01
CA VAL A 120 7.88 -18.96 -18.69
C VAL A 120 6.80 -18.37 -19.60
N THR A 121 6.01 -19.25 -20.22
CA THR A 121 4.87 -18.88 -21.02
C THR A 121 3.63 -19.52 -20.43
N VAL A 122 2.60 -18.73 -20.19
CA VAL A 122 1.32 -19.22 -19.69
C VAL A 122 0.39 -19.35 -20.89
N SER A 123 0.13 -20.59 -21.31
CA SER A 123 -0.87 -20.84 -22.34
C SER A 123 -1.28 -22.30 -22.27
N SER A 124 -2.42 -22.59 -22.89
CA SER A 124 -2.92 -23.95 -22.99
C SER A 124 -2.38 -24.69 -24.21
N ALA A 125 -1.67 -23.99 -25.10
CA ALA A 125 -1.20 -24.61 -26.33
C ALA A 125 -0.08 -25.61 -26.03
N SER A 126 0.14 -26.49 -27.00
CA SER A 126 1.08 -27.60 -26.84
C SER A 126 2.48 -27.18 -27.29
N THR A 127 3.46 -27.98 -26.86
CA THR A 127 4.86 -27.75 -27.17
C THR A 127 5.19 -28.36 -28.53
N LYS A 128 5.77 -27.54 -29.42
CA LYS A 128 6.18 -27.97 -30.75
C LYS A 128 7.63 -27.57 -30.98
N GLY A 129 8.44 -28.50 -31.47
CA GLY A 129 9.83 -28.23 -31.75
C GLY A 129 10.01 -27.63 -33.12
N PRO A 130 11.19 -27.06 -33.36
CA PRO A 130 11.44 -26.40 -34.64
C PRO A 130 11.77 -27.39 -35.75
N SER A 131 11.49 -26.96 -36.98
CA SER A 131 12.06 -27.54 -38.18
C SER A 131 13.19 -26.61 -38.62
N VAL A 132 14.36 -27.19 -38.91
CA VAL A 132 15.56 -26.42 -39.22
C VAL A 132 15.88 -26.60 -40.69
N PHE A 133 15.98 -25.49 -41.43
CA PHE A 133 16.26 -25.48 -42.85
C PHE A 133 17.48 -24.61 -43.14
N PRO A 134 18.35 -24.99 -44.08
CA PRO A 134 19.53 -24.16 -44.35
C PRO A 134 19.20 -22.90 -45.16
N LEU A 135 20.11 -21.94 -45.05
CA LEU A 135 20.12 -20.74 -45.88
C LEU A 135 21.48 -20.77 -46.58
N ALA A 136 21.51 -21.43 -47.74
CA ALA A 136 22.78 -21.80 -48.35
C ALA A 136 23.45 -20.57 -48.99
N PRO A 137 24.79 -20.41 -48.85
CA PRO A 137 25.45 -19.29 -49.53
C PRO A 137 25.68 -19.54 -51.00
N SER A 138 24.77 -19.06 -51.85
CA SER A 138 24.95 -19.06 -53.29
C SER A 138 25.55 -17.72 -53.71
N SER A 139 25.64 -17.46 -55.02
CA SER A 139 26.15 -16.18 -55.49
C SER A 139 25.21 -15.03 -55.20
N LYS A 140 23.93 -15.32 -54.93
CA LYS A 140 22.98 -14.27 -54.53
C LYS A 140 23.19 -13.81 -53.09
N SER A 141 24.10 -14.45 -52.34
CA SER A 141 24.46 -14.06 -50.98
C SER A 141 25.96 -13.87 -50.85
N THR A 142 26.60 -13.37 -51.91
CA THR A 142 28.02 -13.06 -51.93
C THR A 142 28.20 -11.62 -52.38
N SER A 143 28.95 -10.85 -51.59
CA SER A 143 29.22 -9.44 -51.87
C SER A 143 30.72 -9.23 -51.72
N GLY A 144 31.41 -9.06 -52.84
CA GLY A 144 32.85 -8.97 -52.78
C GLY A 144 33.45 -10.25 -52.23
N GLY A 145 34.35 -10.13 -51.28
CA GLY A 145 35.04 -11.28 -50.71
C GLY A 145 34.40 -11.85 -49.47
N THR A 146 33.11 -11.56 -49.24
CA THR A 146 32.39 -12.03 -48.07
C THR A 146 31.09 -12.69 -48.51
N ALA A 147 30.84 -13.89 -47.99
CA ALA A 147 29.59 -14.61 -48.19
C ALA A 147 28.74 -14.53 -46.93
N ALA A 148 27.45 -14.79 -47.09
CA ALA A 148 26.52 -14.89 -45.98
C ALA A 148 25.80 -16.23 -46.07
N LEU A 149 25.63 -16.88 -44.93
CA LEU A 149 24.93 -18.15 -44.84
C LEU A 149 24.22 -18.20 -43.50
N GLY A 150 23.28 -19.12 -43.38
CA GLY A 150 22.49 -19.16 -42.18
C GLY A 150 21.71 -20.43 -41.97
N CYS A 151 20.65 -20.28 -41.19
CA CYS A 151 19.90 -21.40 -40.63
C CYS A 151 18.53 -20.84 -40.30
N LEU A 152 17.48 -21.45 -40.85
CA LEU A 152 16.10 -21.02 -40.63
C LEU A 152 15.46 -21.94 -39.60
N VAL A 153 15.00 -21.35 -38.50
CA VAL A 153 14.46 -22.07 -37.35
C VAL A 153 12.96 -21.80 -37.32
N LYS A 154 12.16 -22.77 -37.76
CA LYS A 154 10.77 -22.55 -38.14
C LYS A 154 9.82 -23.36 -37.26
N ASP A 155 8.73 -22.72 -36.85
CA ASP A 155 7.57 -23.36 -36.23
C ASP A 155 7.96 -24.13 -34.96
N TYR A 156 8.23 -23.36 -33.91
CA TYR A 156 8.43 -23.91 -32.58
C TYR A 156 7.60 -23.09 -31.58
N PHE A 157 7.31 -23.72 -30.44
CA PHE A 157 6.61 -23.06 -29.35
C PHE A 157 6.86 -23.84 -28.07
N PRO A 158 7.14 -23.19 -26.92
CA PRO A 158 7.30 -21.76 -26.65
C PRO A 158 8.73 -21.29 -26.85
N GLU A 159 9.02 -20.01 -26.57
CA GLU A 159 10.39 -19.55 -26.49
C GLU A 159 11.10 -20.26 -25.34
N PRO A 160 12.44 -20.28 -25.35
CA PRO A 160 13.40 -19.80 -26.35
C PRO A 160 14.01 -20.94 -27.17
N VAL A 161 14.82 -20.60 -28.16
CA VAL A 161 15.76 -21.52 -28.79
C VAL A 161 17.14 -20.88 -28.69
N THR A 162 18.17 -21.72 -28.55
CA THR A 162 19.55 -21.29 -28.72
C THR A 162 20.08 -21.81 -30.05
N VAL A 163 20.93 -21.01 -30.68
CA VAL A 163 21.61 -21.38 -31.92
C VAL A 163 23.09 -21.11 -31.71
N SER A 164 23.93 -22.06 -32.09
CA SER A 164 25.37 -21.83 -32.17
C SER A 164 25.83 -22.28 -33.54
N TRP A 165 27.11 -22.02 -33.83
CA TRP A 165 27.71 -22.38 -35.10
C TRP A 165 29.02 -23.11 -34.85
N ASN A 166 29.19 -24.25 -35.52
CA ASN A 166 30.38 -25.08 -35.37
C ASN A 166 30.63 -25.42 -33.91
N SER A 167 29.55 -25.78 -33.21
CA SER A 167 29.61 -26.18 -31.80
C SER A 167 30.22 -25.07 -30.95
N GLY A 168 29.95 -23.82 -31.32
CA GLY A 168 30.47 -22.67 -30.60
C GLY A 168 31.83 -22.19 -31.05
N ALA A 169 32.45 -22.85 -32.04
CA ALA A 169 33.74 -22.40 -32.55
C ALA A 169 33.62 -21.14 -33.39
N LEU A 170 32.43 -20.83 -33.91
CA LEU A 170 32.20 -19.69 -34.78
C LEU A 170 31.27 -18.71 -34.08
N THR A 171 31.80 -17.54 -33.72
CA THR A 171 31.05 -16.48 -33.05
C THR A 171 31.06 -15.17 -33.80
N SER A 172 32.21 -14.75 -34.33
CA SER A 172 32.30 -13.48 -35.05
C SER A 172 31.37 -13.49 -36.26
N GLY A 173 30.65 -12.39 -36.44
CA GLY A 173 29.78 -12.25 -37.58
C GLY A 173 28.42 -12.92 -37.47
N VAL A 174 28.11 -13.54 -36.34
CA VAL A 174 26.85 -14.27 -36.18
C VAL A 174 25.78 -13.27 -35.76
N HIS A 175 24.58 -13.41 -36.34
CA HIS A 175 23.41 -12.64 -35.93
C HIS A 175 22.24 -13.61 -35.85
N THR A 176 21.76 -13.87 -34.63
CA THR A 176 20.56 -14.67 -34.41
C THR A 176 19.42 -13.71 -34.11
N PHE A 177 18.49 -13.59 -35.05
CA PHE A 177 17.48 -12.56 -34.93
C PHE A 177 16.48 -12.91 -33.83
N PRO A 178 15.86 -11.90 -33.20
CA PRO A 178 14.77 -12.20 -32.26
C PRO A 178 13.61 -12.81 -33.01
N ALA A 179 12.95 -13.77 -32.37
CA ALA A 179 11.88 -14.51 -33.02
C ALA A 179 10.67 -13.61 -33.26
N VAL A 180 9.84 -14.03 -34.21
CA VAL A 180 8.56 -13.38 -34.50
C VAL A 180 7.46 -14.42 -34.32
N LEU A 181 6.37 -13.99 -33.70
CA LEU A 181 5.23 -14.85 -33.45
C LEU A 181 4.33 -14.86 -34.69
N GLN A 182 4.25 -16.01 -35.36
CA GLN A 182 3.44 -16.13 -36.55
C GLN A 182 1.96 -16.18 -36.18
N SER A 183 1.10 -16.03 -37.19
CA SER A 183 -0.35 -15.99 -36.95
C SER A 183 -0.84 -17.28 -36.31
N SER A 184 -0.17 -18.41 -36.61
CA SER A 184 -0.55 -19.70 -36.06
C SER A 184 -0.37 -19.78 -34.54
N GLY A 185 0.41 -18.87 -33.95
CA GLY A 185 0.83 -19.01 -32.57
C GLY A 185 2.15 -19.73 -32.39
N LEU A 186 2.91 -19.92 -33.46
CA LEU A 186 4.23 -20.53 -33.42
C LEU A 186 5.29 -19.48 -33.74
N TYR A 187 6.46 -19.65 -33.16
CA TYR A 187 7.58 -18.72 -33.36
C TYR A 187 8.46 -19.21 -34.51
N SER A 188 9.21 -18.27 -35.09
CA SER A 188 10.17 -18.58 -36.13
C SER A 188 11.28 -17.53 -36.11
N LEU A 189 12.50 -17.98 -36.37
CA LEU A 189 13.63 -17.07 -36.49
C LEU A 189 14.62 -17.61 -37.49
N SER A 190 15.65 -16.82 -37.75
CA SER A 190 16.80 -17.22 -38.53
C SER A 190 18.07 -16.78 -37.80
N SER A 191 19.14 -17.48 -38.07
CA SER A 191 20.48 -17.14 -37.57
C SER A 191 21.43 -17.17 -38.75
N VAL A 192 22.18 -16.09 -38.93
CA VAL A 192 23.04 -15.90 -40.09
C VAL A 192 24.44 -15.61 -39.60
N VAL A 193 25.41 -15.89 -40.47
CA VAL A 193 26.81 -15.56 -40.21
C VAL A 193 27.46 -15.18 -41.54
N THR A 194 28.35 -14.20 -41.49
CA THR A 194 29.15 -13.80 -42.65
C THR A 194 30.53 -14.43 -42.54
N VAL A 195 30.98 -15.00 -43.66
CA VAL A 195 32.29 -15.65 -43.73
C VAL A 195 32.94 -15.30 -45.06
N PRO A 196 34.27 -15.36 -45.14
CA PRO A 196 34.91 -15.12 -46.43
C PRO A 196 34.50 -16.16 -47.46
N SER A 197 34.30 -15.69 -48.70
CA SER A 197 33.83 -16.57 -49.76
C SER A 197 34.85 -17.64 -50.11
N SER A 198 36.13 -17.42 -49.83
CA SER A 198 37.14 -18.45 -50.07
C SER A 198 37.01 -19.64 -49.12
N SER A 199 36.36 -19.45 -47.97
CA SER A 199 36.17 -20.52 -47.00
C SER A 199 35.10 -21.52 -47.42
N LEU A 200 34.30 -21.21 -48.43
CA LEU A 200 33.24 -22.12 -48.86
C LEU A 200 33.84 -23.33 -49.54
N GLY A 201 33.33 -24.51 -49.19
CA GLY A 201 33.93 -25.76 -49.68
C GLY A 201 35.11 -26.23 -48.86
N THR A 202 36.02 -25.32 -48.51
CA THR A 202 37.16 -25.68 -47.68
C THR A 202 36.74 -25.85 -46.22
N GLN A 203 36.02 -24.87 -45.68
CA GLN A 203 35.57 -24.89 -44.30
C GLN A 203 34.13 -25.37 -44.21
N THR A 204 33.83 -26.14 -43.17
CA THR A 204 32.49 -26.65 -42.92
C THR A 204 31.75 -25.74 -41.95
N TYR A 205 30.43 -25.59 -42.17
CA TYR A 205 29.58 -24.74 -41.36
C TYR A 205 28.30 -25.49 -40.98
N ILE A 206 28.03 -25.58 -39.68
CA ILE A 206 26.89 -26.32 -39.14
C ILE A 206 26.25 -25.47 -38.04
N CYS A 207 24.92 -25.35 -38.07
CA CYS A 207 24.17 -24.66 -37.02
C CYS A 207 23.64 -25.66 -36.01
N ASN A 208 23.88 -25.41 -34.73
CA ASN A 208 23.43 -26.27 -33.64
C ASN A 208 22.24 -25.58 -32.97
N VAL A 209 21.05 -26.14 -33.19
CA VAL A 209 19.79 -25.57 -32.71
C VAL A 209 19.29 -26.41 -31.55
N ASN A 210 19.03 -25.77 -30.41
CA ASN A 210 18.53 -26.43 -29.21
C ASN A 210 17.22 -25.78 -28.77
N HIS A 211 16.22 -26.62 -28.51
CA HIS A 211 14.91 -26.19 -27.99
C HIS A 211 14.62 -27.04 -26.77
N LYS A 212 14.98 -26.52 -25.59
CA LYS A 212 14.82 -27.30 -24.36
C LYS A 212 13.39 -27.77 -24.09
N PRO A 213 12.33 -26.96 -24.28
CA PRO A 213 10.98 -27.46 -23.99
C PRO A 213 10.58 -28.71 -24.75
N SER A 214 11.15 -28.94 -25.93
CA SER A 214 10.86 -30.13 -26.75
C SER A 214 11.93 -31.21 -26.66
N ASN A 215 13.04 -30.95 -25.95
CA ASN A 215 14.19 -31.85 -25.96
C ASN A 215 14.68 -32.09 -27.38
N THR A 216 14.76 -31.00 -28.16
CA THR A 216 15.22 -31.04 -29.54
C THR A 216 16.61 -30.43 -29.62
N LYS A 217 17.55 -31.19 -30.18
CA LYS A 217 18.91 -30.72 -30.46
C LYS A 217 19.25 -31.14 -31.88
N VAL A 218 19.23 -30.17 -32.80
CA VAL A 218 19.35 -30.43 -34.23
C VAL A 218 20.64 -29.79 -34.73
N ASP A 219 21.42 -30.56 -35.48
CA ASP A 219 22.61 -30.08 -36.18
C ASP A 219 22.32 -30.19 -37.68
N LYS A 220 22.40 -29.06 -38.38
CA LYS A 220 22.07 -28.97 -39.79
C LYS A 220 23.28 -28.41 -40.53
N ARG A 221 23.77 -29.17 -41.51
CA ARG A 221 24.88 -28.75 -42.35
C ARG A 221 24.37 -27.81 -43.43
N VAL A 222 25.03 -26.66 -43.58
CA VAL A 222 24.66 -25.64 -44.55
C VAL A 222 25.71 -25.69 -45.65
N GLU A 223 25.36 -26.27 -46.79
CA GLU A 223 26.29 -26.43 -47.91
C GLU A 223 26.02 -25.38 -48.98
N PRO A 224 27.04 -24.91 -49.69
CA PRO A 224 26.80 -23.89 -50.71
C PRO A 224 25.95 -24.42 -51.86
N LYS A 225 25.31 -23.48 -52.56
CA LYS A 225 24.39 -23.80 -53.66
C LYS A 225 24.95 -23.26 -54.98
N MET B 4 7.98 5.78 -9.54
CA MET B 4 9.15 5.96 -10.39
C MET B 4 8.73 6.21 -11.82
N THR B 5 8.69 7.49 -12.20
CA THR B 5 8.36 7.91 -13.56
C THR B 5 9.67 8.25 -14.26
N GLN B 6 10.06 7.44 -15.24
CA GLN B 6 11.35 7.55 -15.89
C GLN B 6 11.23 8.29 -17.22
N SER B 7 12.20 9.16 -17.50
CA SER B 7 12.27 9.85 -18.77
C SER B 7 13.72 10.17 -19.06
N PRO B 8 14.10 10.35 -20.34
CA PRO B 8 13.29 10.16 -21.56
C PRO B 8 13.08 8.67 -21.82
N ALA B 9 12.07 8.28 -22.59
CA ALA B 9 11.90 6.88 -22.96
C ALA B 9 12.95 6.46 -23.98
N THR B 10 13.34 7.37 -24.87
CA THR B 10 14.26 7.12 -25.96
C THR B 10 15.32 8.21 -25.99
N LEU B 11 16.53 7.82 -26.33
CA LEU B 11 17.65 8.74 -26.39
C LEU B 11 18.62 8.24 -27.46
N SER B 12 19.15 9.17 -28.26
CA SER B 12 20.12 8.84 -29.30
C SER B 12 21.19 9.91 -29.30
N LEU B 13 22.41 9.54 -28.91
CA LEU B 13 23.52 10.47 -28.73
C LEU B 13 24.79 9.87 -29.31
N SER B 14 25.74 10.74 -29.62
CA SER B 14 26.97 10.27 -30.24
C SER B 14 28.02 9.98 -29.19
N PRO B 15 29.07 9.21 -29.53
CA PRO B 15 30.15 8.97 -28.58
C PRO B 15 30.77 10.28 -28.10
N GLY B 16 31.19 10.27 -26.84
CA GLY B 16 31.80 11.44 -26.23
C GLY B 16 30.82 12.45 -25.68
N GLU B 17 29.52 12.30 -25.93
CA GLU B 17 28.51 13.20 -25.38
C GLU B 17 28.06 12.70 -24.00
N ILE B 18 27.14 13.44 -23.40
CA ILE B 18 26.63 13.17 -22.05
C ILE B 18 25.16 12.78 -22.18
N ALA B 19 24.80 11.64 -21.59
CA ALA B 19 23.42 11.20 -21.50
C ALA B 19 22.92 11.44 -20.07
N THR B 20 21.72 12.05 -19.97
CA THR B 20 21.09 12.35 -18.68
C THR B 20 19.72 11.67 -18.65
N LEU B 21 19.56 10.73 -17.72
CA LEU B 21 18.32 10.02 -17.48
C LEU B 21 17.80 10.42 -16.11
N SER B 22 16.49 10.52 -15.95
CA SER B 22 15.90 10.96 -14.69
C SER B 22 14.70 10.09 -14.31
N CYS B 23 14.51 9.94 -12.99
CA CYS B 23 13.32 9.33 -12.42
C CYS B 23 12.78 10.20 -11.29
N ARG B 24 11.46 10.15 -11.12
CA ARG B 24 10.77 10.85 -10.04
C ARG B 24 10.13 9.80 -9.13
N ALA B 25 10.63 9.72 -7.90
CA ALA B 25 9.98 8.87 -6.90
C ALA B 25 8.67 9.49 -6.45
N SER B 26 7.62 8.67 -6.38
CA SER B 26 6.32 9.17 -5.91
C SER B 26 6.37 9.49 -4.43
N GLN B 27 7.00 8.63 -3.63
CA GLN B 27 7.26 8.89 -2.21
C GLN B 27 8.68 8.47 -1.90
N THR B 28 9.18 8.90 -0.74
CA THR B 28 10.55 8.63 -0.31
C THR B 28 10.59 8.17 1.14
N VAL B 29 9.63 7.35 1.55
CA VAL B 29 9.64 6.72 2.87
C VAL B 29 10.67 5.59 2.85
N SER B 30 11.74 5.74 3.63
CA SER B 30 12.85 4.78 3.72
C SER B 30 13.22 4.25 2.33
N SER B 31 13.44 5.20 1.44
CA SER B 31 13.64 4.90 0.02
C SER B 31 15.11 4.71 -0.28
N TYR B 32 15.39 3.77 -1.18
CA TYR B 32 16.74 3.53 -1.69
C TYR B 32 16.64 3.39 -3.20
N LEU B 33 17.47 4.15 -3.91
CA LEU B 33 17.41 4.27 -5.37
C LEU B 33 18.62 3.62 -6.01
N ALA B 34 18.38 2.88 -7.09
CA ALA B 34 19.45 2.27 -7.88
C ALA B 34 19.16 2.42 -9.37
N TRP B 35 20.19 2.18 -10.18
CA TRP B 35 20.11 2.18 -11.64
C TRP B 35 20.76 0.93 -12.21
N TYR B 36 20.09 0.32 -13.20
CA TYR B 36 20.56 -0.89 -13.86
C TYR B 36 20.67 -0.70 -15.36
N GLN B 37 21.61 -1.45 -15.95
CA GLN B 37 21.86 -1.46 -17.39
C GLN B 37 21.61 -2.85 -17.94
N LEU B 38 20.82 -2.92 -19.01
CA LEU B 38 20.54 -4.17 -19.73
C LEU B 38 21.13 -4.08 -21.13
N LYS B 39 22.32 -4.64 -21.32
CA LYS B 39 22.91 -4.69 -22.65
C LYS B 39 22.26 -5.79 -23.47
N PRO B 40 22.38 -5.74 -24.79
CA PRO B 40 21.85 -6.83 -25.63
C PRO B 40 22.44 -8.18 -25.22
N GLY B 41 21.56 -9.10 -24.86
CA GLY B 41 21.93 -10.47 -24.59
C GLY B 41 22.45 -10.74 -23.18
N GLN B 42 22.60 -9.72 -22.35
CA GLN B 42 23.32 -9.84 -21.09
C GLN B 42 22.38 -9.67 -19.89
N ALA B 43 22.77 -10.29 -18.78
CA ALA B 43 22.03 -10.12 -17.53
C ALA B 43 22.12 -8.66 -17.07
N PRO B 44 21.10 -8.14 -16.37
CA PRO B 44 21.17 -6.75 -15.89
C PRO B 44 22.40 -6.52 -15.04
N ARG B 45 22.91 -5.29 -15.12
CA ARG B 45 24.14 -4.89 -14.42
C ARG B 45 23.82 -3.69 -13.55
N LEU B 46 24.11 -3.80 -12.26
CA LEU B 46 23.97 -2.67 -11.35
C LEU B 46 25.02 -1.61 -11.68
N LEU B 47 24.56 -0.38 -11.91
CA LEU B 47 25.43 0.77 -12.12
C LEU B 47 25.61 1.60 -10.85
N ILE B 48 24.50 2.02 -10.25
CA ILE B 48 24.47 2.99 -9.18
C ILE B 48 23.53 2.46 -8.12
N TYR B 49 23.92 2.57 -6.86
CA TYR B 49 23.06 2.20 -5.75
C TYR B 49 23.06 3.33 -4.71
N ASP B 50 21.99 3.38 -3.93
CA ASP B 50 21.77 4.44 -2.94
C ASP B 50 21.93 5.81 -3.58
N ALA B 51 21.34 5.97 -4.77
CA ALA B 51 21.28 7.21 -5.54
C ALA B 51 22.59 7.64 -6.19
N SER B 52 23.73 7.54 -5.50
CA SER B 52 24.97 8.10 -6.00
C SER B 52 26.22 7.25 -5.78
N ARG B 53 26.11 6.03 -5.25
CA ARG B 53 27.27 5.18 -5.04
C ARG B 53 27.45 4.28 -6.25
N ARG B 54 28.68 4.18 -6.73
CA ARG B 54 28.98 3.49 -7.97
C ARG B 54 29.38 2.06 -7.67
N ALA B 55 28.77 1.11 -8.38
CA ALA B 55 29.01 -0.29 -8.11
C ALA B 55 30.41 -0.71 -8.59
N ALA B 56 30.87 -1.85 -8.08
CA ALA B 56 32.15 -2.40 -8.49
C ALA B 56 32.14 -2.72 -9.97
N GLY B 57 33.26 -2.43 -10.64
CA GLY B 57 33.38 -2.71 -12.05
C GLY B 57 32.70 -1.73 -12.97
N ILE B 58 32.26 -0.58 -12.47
CA ILE B 58 31.52 0.42 -13.23
C ILE B 58 32.45 1.61 -13.47
N PRO B 59 32.66 2.05 -14.72
CA PRO B 59 33.53 3.21 -14.94
C PRO B 59 33.03 4.48 -14.26
N ALA B 60 33.99 5.34 -13.90
CA ALA B 60 33.71 6.57 -13.16
C ALA B 60 32.85 7.55 -13.94
N ARG B 61 32.77 7.42 -15.26
CA ARG B 61 31.94 8.32 -16.04
C ARG B 61 30.44 8.10 -15.80
N PHE B 62 30.05 7.01 -15.14
CA PHE B 62 28.68 6.83 -14.64
C PHE B 62 28.57 7.47 -13.26
N SER B 63 27.58 8.35 -13.09
CA SER B 63 27.34 8.94 -11.77
C SER B 63 25.84 9.17 -11.58
N GLY B 64 25.43 9.15 -10.32
CA GLY B 64 24.04 9.38 -9.97
C GLY B 64 23.92 10.49 -8.96
N SER B 65 22.76 11.15 -8.98
CA SER B 65 22.50 12.24 -8.05
C SER B 65 21.00 12.29 -7.76
N GLU B 66 20.65 13.03 -6.72
CA GLU B 66 19.26 13.22 -6.32
C GLU B 66 19.05 14.66 -5.89
N SER B 67 17.88 15.21 -6.25
CA SER B 67 17.46 16.55 -5.83
C SER B 67 16.00 16.42 -5.40
N GLY B 68 15.80 16.10 -4.12
CA GLY B 68 14.47 15.91 -3.59
C GLY B 68 13.87 14.58 -4.00
N THR B 69 12.81 14.64 -4.81
CA THR B 69 12.18 13.45 -5.36
C THR B 69 12.74 13.03 -6.71
N ASP B 70 13.56 13.86 -7.34
CA ASP B 70 14.10 13.57 -8.67
C ASP B 70 15.49 12.98 -8.54
N PHE B 71 15.68 11.83 -9.19
CA PHE B 71 16.93 11.08 -9.20
C PHE B 71 17.40 11.00 -10.64
N THR B 72 18.70 11.19 -10.88
CA THR B 72 19.22 11.27 -12.24
C THR B 72 20.49 10.45 -12.38
N LEU B 73 20.60 9.77 -13.52
CA LEU B 73 21.81 9.07 -13.93
C LEU B 73 22.47 9.89 -15.03
N THR B 74 23.74 10.18 -14.86
CA THR B 74 24.54 10.89 -15.86
C THR B 74 25.62 9.93 -16.36
N ILE B 75 25.64 9.72 -17.67
CA ILE B 75 26.65 8.91 -18.35
C ILE B 75 27.42 9.86 -19.24
N SER B 76 28.61 10.26 -18.80
CA SER B 76 29.46 11.12 -19.59
C SER B 76 30.42 10.29 -20.44
N SER B 77 31.00 10.93 -21.46
CA SER B 77 31.95 10.32 -22.40
C SER B 77 31.42 8.99 -22.95
N LEU B 78 30.26 9.09 -23.60
CA LEU B 78 29.55 7.91 -24.05
C LEU B 78 30.40 7.04 -24.98
N GLU B 79 30.22 5.73 -24.87
CA GLU B 79 30.87 4.71 -25.68
C GLU B 79 29.80 3.91 -26.42
N PRO B 80 30.14 3.30 -27.57
CA PRO B 80 29.18 2.38 -28.22
C PRO B 80 28.64 1.30 -27.29
N GLU B 81 29.46 0.85 -26.35
CA GLU B 81 29.04 -0.18 -25.41
C GLU B 81 27.94 0.31 -24.48
N ASP B 82 27.71 1.61 -24.37
CA ASP B 82 26.59 2.11 -23.57
C ASP B 82 25.24 1.87 -24.22
N SER B 83 25.19 1.37 -25.46
CA SER B 83 23.93 1.03 -26.10
C SER B 83 23.20 -0.04 -25.29
N ALA B 84 22.06 0.31 -24.71
CA ALA B 84 21.41 -0.54 -23.73
C ALA B 84 20.09 0.09 -23.29
N VAL B 85 19.32 -0.65 -22.49
CA VAL B 85 18.13 -0.15 -21.82
C VAL B 85 18.47 0.03 -20.34
N TYR B 86 18.12 1.20 -19.80
CA TYR B 86 18.46 1.60 -18.44
C TYR B 86 17.19 1.73 -17.61
N TYR B 87 17.25 1.22 -16.38
CA TYR B 87 16.13 1.22 -15.45
C TYR B 87 16.56 1.79 -14.10
N CYS B 88 15.74 2.70 -13.57
CA CYS B 88 15.86 3.10 -12.17
C CYS B 88 15.06 2.15 -11.28
N HIS B 89 15.44 2.11 -10.02
CA HIS B 89 14.94 1.10 -9.10
C HIS B 89 14.79 1.70 -7.71
N GLN B 90 13.55 1.73 -7.21
CA GLN B 90 13.28 2.20 -5.85
C GLN B 90 12.78 1.05 -4.99
N ARG B 91 13.44 0.82 -3.86
CA ARG B 91 12.88 0.06 -2.75
C ARG B 91 12.49 1.02 -1.64
N SER B 92 11.27 0.86 -1.12
CA SER B 92 10.74 1.81 -0.14
C SER B 92 9.72 1.14 0.76
N ASN B 93 9.47 1.80 1.90
CA ASN B 93 8.41 1.48 2.85
C ASN B 93 8.65 0.18 3.61
N TRP B 94 7.73 -0.16 4.51
CA TRP B 94 7.74 -1.46 5.15
C TRP B 94 6.27 -1.89 5.25
N PRO B 95 5.91 -3.11 4.80
CA PRO B 95 6.72 -4.14 4.12
C PRO B 95 7.32 -3.62 2.82
N PRO B 96 8.56 -3.97 2.48
CA PRO B 96 9.22 -3.32 1.35
C PRO B 96 8.48 -3.55 0.03
N VAL B 97 8.53 -2.52 -0.81
CA VAL B 97 7.95 -2.53 -2.15
C VAL B 97 9.05 -2.10 -3.12
N HIS B 98 9.23 -2.85 -4.21
CA HIS B 98 10.21 -2.54 -5.25
C HIS B 98 9.49 -2.02 -6.48
N THR B 99 9.88 -0.84 -6.93
CA THR B 99 9.35 -0.20 -8.13
C THR B 99 10.49 0.00 -9.11
N PHE B 100 10.24 -0.27 -10.39
CA PHE B 100 11.18 0.02 -11.47
C PHE B 100 10.58 1.08 -12.39
N GLY B 101 11.42 1.99 -12.88
CA GLY B 101 11.01 2.88 -13.95
C GLY B 101 10.68 2.12 -15.21
N GLN B 102 9.99 2.81 -16.13
CA GLN B 102 9.58 2.20 -17.39
C GLN B 102 10.74 1.92 -18.33
N GLY B 103 11.91 2.50 -18.09
CA GLY B 103 13.11 2.22 -18.85
C GLY B 103 13.42 3.32 -19.85
N THR B 104 14.71 3.43 -20.19
CA THR B 104 15.19 4.34 -21.24
C THR B 104 16.06 3.55 -22.21
N LYS B 105 15.67 3.54 -23.50
CA LYS B 105 16.48 2.91 -24.55
C LYS B 105 17.50 3.92 -25.06
N LEU B 106 18.78 3.67 -24.80
CA LEU B 106 19.87 4.55 -25.26
C LEU B 106 20.53 3.96 -26.51
N GLU B 107 20.37 4.66 -27.63
CA GLU B 107 21.10 4.38 -28.86
C GLU B 107 22.35 5.22 -28.93
N ILE B 108 23.43 4.64 -29.46
CA ILE B 108 24.68 5.35 -29.68
C ILE B 108 24.83 5.57 -31.19
N LYS B 109 24.92 6.83 -31.60
CA LYS B 109 25.04 7.16 -33.01
C LYS B 109 26.42 6.74 -33.55
N ARG B 110 26.46 6.56 -34.87
CA ARG B 110 27.71 6.34 -35.59
C ARG B 110 27.59 6.97 -36.96
N THR B 111 28.71 6.98 -37.69
CA THR B 111 28.67 7.36 -39.09
C THR B 111 27.76 6.42 -39.85
N VAL B 112 27.07 6.97 -40.86
CA VAL B 112 26.10 6.21 -41.62
C VAL B 112 26.79 5.02 -42.28
N ALA B 113 26.11 3.88 -42.31
CA ALA B 113 26.66 2.63 -42.81
C ALA B 113 25.58 1.96 -43.64
N ALA B 114 25.87 1.77 -44.93
CA ALA B 114 24.93 1.13 -45.83
C ALA B 114 24.82 -0.36 -45.51
N PRO B 115 23.64 -0.96 -45.69
CA PRO B 115 23.53 -2.41 -45.45
C PRO B 115 24.13 -3.23 -46.58
N SER B 116 24.75 -4.33 -46.21
CA SER B 116 25.04 -5.38 -47.19
C SER B 116 23.80 -6.25 -47.31
N VAL B 117 23.32 -6.41 -48.54
CA VAL B 117 22.06 -7.08 -48.84
C VAL B 117 22.34 -8.47 -49.40
N PHE B 118 21.73 -9.48 -48.79
CA PHE B 118 21.83 -10.87 -49.22
C PHE B 118 20.44 -11.47 -49.30
N ILE B 119 20.27 -12.42 -50.21
CA ILE B 119 18.98 -13.07 -50.44
C ILE B 119 19.20 -14.58 -50.48
N PHE B 120 18.26 -15.32 -49.89
CA PHE B 120 18.35 -16.78 -49.76
C PHE B 120 17.05 -17.39 -50.27
N PRO B 121 17.07 -18.18 -51.36
CA PRO B 121 15.85 -18.88 -51.76
C PRO B 121 15.52 -20.00 -50.77
N PRO B 122 14.32 -20.59 -50.86
CA PRO B 122 13.97 -21.67 -49.94
C PRO B 122 14.82 -22.91 -50.18
N SER B 123 15.12 -23.61 -49.09
CA SER B 123 15.87 -24.85 -49.18
C SER B 123 15.06 -25.91 -49.92
N ASP B 124 15.78 -26.88 -50.48
CA ASP B 124 15.10 -28.03 -51.07
C ASP B 124 14.35 -28.82 -49.99
N GLU B 125 14.91 -28.91 -48.80
CA GLU B 125 14.24 -29.64 -47.72
C GLU B 125 12.88 -29.03 -47.41
N GLN B 126 12.81 -27.70 -47.29
CA GLN B 126 11.55 -27.06 -46.93
C GLN B 126 10.52 -27.21 -48.03
N LEU B 127 10.93 -27.11 -49.30
CA LEU B 127 9.99 -27.26 -50.40
C LEU B 127 9.33 -28.63 -50.38
N LYS B 128 10.10 -29.68 -50.05
CA LYS B 128 9.50 -31.00 -49.92
C LYS B 128 8.51 -31.05 -48.76
N SER B 129 8.69 -30.19 -47.75
CA SER B 129 7.77 -30.12 -46.62
C SER B 129 6.47 -29.41 -46.97
N GLY B 130 6.38 -28.75 -48.13
CA GLY B 130 5.16 -28.13 -48.59
C GLY B 130 5.10 -26.62 -48.49
N THR B 131 6.15 -25.96 -48.03
CA THR B 131 6.17 -24.51 -47.88
C THR B 131 7.49 -23.96 -48.40
N ALA B 132 7.50 -22.65 -48.63
CA ALA B 132 8.67 -21.95 -49.16
C ALA B 132 8.87 -20.67 -48.38
N SER B 133 10.00 -20.55 -47.71
CA SER B 133 10.42 -19.33 -47.03
C SER B 133 11.57 -18.72 -47.80
N VAL B 134 11.39 -17.45 -48.20
CA VAL B 134 12.46 -16.66 -48.83
C VAL B 134 12.91 -15.64 -47.80
N VAL B 135 14.22 -15.46 -47.69
CA VAL B 135 14.82 -14.62 -46.65
C VAL B 135 15.69 -13.57 -47.31
N CYS B 136 15.54 -12.32 -46.87
CA CYS B 136 16.39 -11.21 -47.28
C CYS B 136 17.05 -10.64 -46.04
N LEU B 137 18.36 -10.44 -46.12
CA LEU B 137 19.18 -10.01 -44.99
C LEU B 137 19.79 -8.67 -45.31
N LEU B 138 19.66 -7.73 -44.39
CA LEU B 138 20.42 -6.48 -44.39
C LEU B 138 21.39 -6.57 -43.22
N ASN B 139 22.68 -6.37 -43.49
CA ASN B 139 23.72 -6.62 -42.51
C ASN B 139 24.51 -5.36 -42.22
N ASN B 140 24.63 -5.03 -40.93
CA ASN B 140 25.57 -4.05 -40.39
C ASN B 140 25.38 -2.67 -41.01
N PHE B 141 24.22 -2.07 -40.71
CA PHE B 141 23.88 -0.75 -41.21
C PHE B 141 23.50 0.17 -40.06
N TYR B 142 23.55 1.48 -40.34
CA TYR B 142 23.12 2.52 -39.41
C TYR B 142 22.75 3.71 -40.27
N PRO B 143 21.65 4.44 -39.99
CA PRO B 143 20.65 4.28 -38.90
C PRO B 143 19.72 3.09 -39.07
N ARG B 144 18.84 2.90 -38.07
CA ARG B 144 17.97 1.72 -38.01
C ARG B 144 16.87 1.76 -39.07
N GLU B 145 16.48 2.95 -39.51
CA GLU B 145 15.39 3.04 -40.48
C GLU B 145 15.84 2.48 -41.83
N ALA B 146 15.05 1.57 -42.36
CA ALA B 146 15.30 0.97 -43.67
C ALA B 146 13.98 0.37 -44.12
N LYS B 147 13.65 0.55 -45.40
CA LYS B 147 12.45 -0.05 -45.96
C LYS B 147 12.85 -1.24 -46.79
N VAL B 148 12.32 -2.41 -46.41
CA VAL B 148 12.63 -3.68 -47.04
C VAL B 148 11.29 -4.31 -47.40
N GLN B 149 11.10 -4.59 -48.69
CA GLN B 149 9.89 -5.22 -49.20
C GLN B 149 10.23 -6.33 -50.17
N TRP B 150 9.39 -7.36 -50.16
CA TRP B 150 9.43 -8.40 -51.16
C TRP B 150 8.60 -8.00 -52.36
N LYS B 151 9.12 -8.31 -53.54
CA LYS B 151 8.46 -8.00 -54.81
C LYS B 151 8.47 -9.27 -55.65
N VAL B 152 7.28 -9.78 -55.96
CA VAL B 152 7.12 -11.08 -56.62
C VAL B 152 6.41 -10.83 -57.93
N ASP B 153 7.13 -11.04 -59.04
CA ASP B 153 6.62 -10.73 -60.38
C ASP B 153 6.06 -9.31 -60.44
N ASN B 154 6.85 -8.36 -59.91
CA ASN B 154 6.59 -6.92 -59.86
C ASN B 154 5.52 -6.51 -58.85
N ALA B 155 4.92 -7.44 -58.11
CA ALA B 155 3.89 -7.11 -57.12
C ALA B 155 4.53 -7.08 -55.74
N LEU B 156 4.48 -5.92 -55.09
CA LEU B 156 5.00 -5.79 -53.74
C LEU B 156 4.16 -6.60 -52.77
N GLN B 157 4.83 -7.26 -51.83
CA GLN B 157 4.19 -8.12 -50.86
C GLN B 157 3.98 -7.34 -49.56
N SER B 158 2.72 -7.21 -49.15
CA SER B 158 2.37 -6.55 -47.90
C SER B 158 1.38 -7.42 -47.15
N GLY B 159 1.77 -7.86 -45.94
CA GLY B 159 0.91 -8.63 -45.06
C GLY B 159 1.23 -10.10 -44.96
N ASN B 160 2.11 -10.65 -45.82
CA ASN B 160 2.52 -12.04 -45.77
C ASN B 160 4.02 -12.20 -45.51
N SER B 161 4.67 -11.14 -45.01
CA SER B 161 6.08 -11.16 -44.64
C SER B 161 6.23 -10.72 -43.19
N GLN B 162 7.34 -11.12 -42.60
CA GLN B 162 7.66 -10.84 -41.22
C GLN B 162 9.08 -10.29 -41.16
N GLU B 163 9.27 -9.25 -40.34
CA GLU B 163 10.53 -8.54 -40.22
C GLU B 163 11.05 -8.64 -38.79
N SER B 164 12.37 -8.83 -38.65
CA SER B 164 13.03 -8.87 -37.36
C SER B 164 14.34 -8.09 -37.45
N VAL B 165 14.64 -7.35 -36.39
CA VAL B 165 15.78 -6.45 -36.33
C VAL B 165 16.57 -6.79 -35.08
N THR B 166 17.89 -6.85 -35.19
CA THR B 166 18.71 -7.08 -34.01
C THR B 166 18.74 -5.83 -33.14
N GLU B 167 19.13 -6.01 -31.89
CA GLU B 167 19.48 -4.87 -31.07
C GLU B 167 20.80 -4.29 -31.54
N GLN B 168 21.00 -3.00 -31.26
CA GLN B 168 22.22 -2.32 -31.67
C GLN B 168 23.45 -3.03 -31.13
N ASP B 169 24.41 -3.28 -32.02
CA ASP B 169 25.63 -3.94 -31.63
C ASP B 169 26.43 -3.07 -30.67
N SER B 170 26.88 -3.70 -29.57
CA SER B 170 27.67 -2.99 -28.58
C SER B 170 29.01 -2.51 -29.13
N LYS B 171 29.60 -3.25 -30.06
CA LYS B 171 30.94 -2.94 -30.53
C LYS B 171 30.93 -1.89 -31.64
N ASP B 172 30.15 -2.10 -32.71
CA ASP B 172 30.19 -1.24 -33.89
C ASP B 172 28.92 -0.43 -34.12
N SER B 173 27.92 -0.53 -33.24
CA SER B 173 26.75 0.33 -33.25
C SER B 173 25.84 0.13 -34.46
N THR B 174 25.92 -1.02 -35.13
CA THR B 174 25.11 -1.31 -36.30
C THR B 174 23.92 -2.19 -35.94
N TYR B 175 22.94 -2.20 -36.85
CA TYR B 175 21.82 -3.11 -36.82
C TYR B 175 21.94 -4.09 -37.99
N SER B 176 21.27 -5.21 -37.85
CA SER B 176 20.97 -6.10 -38.97
C SER B 176 19.48 -6.41 -38.94
N LEU B 177 18.98 -6.87 -40.07
CA LEU B 177 17.53 -7.02 -40.26
C LEU B 177 17.30 -8.18 -41.22
N SER B 178 16.27 -8.97 -40.93
CA SER B 178 15.82 -10.05 -41.79
C SER B 178 14.37 -9.81 -42.18
N SER B 179 14.05 -10.13 -43.43
CA SER B 179 12.68 -10.07 -43.93
C SER B 179 12.36 -11.41 -44.56
N THR B 180 11.39 -12.10 -43.99
CA THR B 180 11.04 -13.47 -44.38
C THR B 180 9.66 -13.46 -45.03
N LEU B 181 9.60 -13.94 -46.26
CA LEU B 181 8.34 -14.16 -46.97
C LEU B 181 8.04 -15.66 -46.92
N THR B 182 6.87 -16.02 -46.41
CA THR B 182 6.45 -17.41 -46.27
C THR B 182 5.28 -17.68 -47.20
N LEU B 183 5.39 -18.73 -47.98
CA LEU B 183 4.39 -19.07 -48.98
C LEU B 183 4.17 -20.57 -49.00
N SER B 184 2.97 -20.98 -49.40
CA SER B 184 2.74 -22.38 -49.68
C SER B 184 3.58 -22.81 -50.88
N LYS B 185 3.77 -24.13 -50.98
CA LYS B 185 4.43 -24.68 -52.16
C LYS B 185 3.72 -24.24 -53.43
N ALA B 186 2.39 -24.35 -53.45
CA ALA B 186 1.61 -24.03 -54.63
C ALA B 186 1.75 -22.55 -54.99
N ASP B 187 1.64 -21.68 -54.00
CA ASP B 187 1.78 -20.24 -54.26
C ASP B 187 3.18 -19.91 -54.74
N TYR B 188 4.20 -20.51 -54.14
CA TYR B 188 5.58 -20.22 -54.51
C TYR B 188 5.84 -20.57 -55.97
N GLU B 189 5.37 -21.73 -56.41
CA GLU B 189 5.60 -22.17 -57.77
C GLU B 189 4.80 -21.38 -58.80
N LYS B 190 3.83 -20.59 -58.36
CA LYS B 190 3.00 -19.80 -59.27
C LYS B 190 3.72 -18.59 -59.84
N HIS B 191 4.90 -18.22 -59.33
CA HIS B 191 5.61 -17.01 -59.72
C HIS B 191 7.07 -17.34 -60.00
N LYS B 192 7.72 -16.44 -60.75
CA LYS B 192 9.08 -16.65 -61.23
C LYS B 192 10.11 -15.80 -60.49
N VAL B 193 9.92 -14.48 -60.46
CA VAL B 193 10.95 -13.54 -60.01
C VAL B 193 10.67 -13.15 -58.57
N TYR B 194 11.63 -13.40 -57.69
CA TYR B 194 11.56 -13.03 -56.28
C TYR B 194 12.68 -12.04 -56.00
N ALA B 195 12.30 -10.81 -55.64
CA ALA B 195 13.25 -9.72 -55.47
C ALA B 195 13.02 -9.04 -54.13
N CYS B 196 14.12 -8.65 -53.48
CA CYS B 196 14.11 -7.93 -52.22
C CYS B 196 14.53 -6.48 -52.49
N GLU B 197 13.60 -5.55 -52.29
CA GLU B 197 13.81 -4.13 -52.56
C GLU B 197 14.14 -3.37 -51.29
N VAL B 198 15.26 -2.63 -51.30
CA VAL B 198 15.84 -2.03 -50.11
C VAL B 198 16.15 -0.57 -50.37
N THR B 199 15.72 0.31 -49.46
CA THR B 199 16.19 1.68 -49.42
C THR B 199 16.77 1.96 -48.04
N HIS B 200 17.89 2.68 -48.03
CA HIS B 200 18.55 3.06 -46.80
C HIS B 200 19.42 4.27 -47.10
N GLN B 201 19.47 5.19 -46.13
CA GLN B 201 20.14 6.47 -46.32
C GLN B 201 21.61 6.30 -46.71
N GLY B 202 22.24 5.23 -46.24
CA GLY B 202 23.63 4.98 -46.58
C GLY B 202 23.85 4.48 -47.99
N LEU B 203 22.79 4.10 -48.71
CA LEU B 203 22.92 3.65 -50.09
C LEU B 203 22.87 4.84 -51.05
N SER B 204 23.65 4.76 -52.13
CA SER B 204 23.61 5.80 -53.15
C SER B 204 22.33 5.73 -53.98
N SER B 205 21.64 4.59 -53.99
CA SER B 205 20.35 4.45 -54.65
C SER B 205 19.68 3.21 -54.08
N PRO B 206 18.39 3.00 -54.35
CA PRO B 206 17.75 1.76 -53.88
C PRO B 206 18.44 0.54 -54.44
N VAL B 207 18.44 -0.52 -53.64
CA VAL B 207 19.07 -1.80 -53.99
C VAL B 207 17.98 -2.82 -54.23
N THR B 208 18.21 -3.70 -55.21
CA THR B 208 17.38 -4.86 -55.47
C THR B 208 18.28 -6.07 -55.64
N LYS B 209 18.11 -7.07 -54.78
CA LYS B 209 18.69 -8.41 -54.97
C LYS B 209 17.55 -9.35 -55.32
N SER B 210 17.73 -10.15 -56.37
CA SER B 210 16.66 -11.00 -56.88
C SER B 210 17.24 -12.33 -57.34
N PHE B 211 16.36 -13.31 -57.44
CA PHE B 211 16.70 -14.60 -58.04
C PHE B 211 15.50 -15.07 -58.86
N ASN B 212 15.80 -15.78 -59.94
CA ASN B 212 14.78 -16.46 -60.71
C ASN B 212 14.52 -17.81 -60.08
N ARG B 213 13.24 -18.12 -59.87
CA ARG B 213 12.86 -19.37 -59.24
C ARG B 213 13.24 -20.55 -60.13
N GLY B 214 13.99 -21.49 -59.56
CA GLY B 214 14.51 -22.62 -60.30
C GLY B 214 15.90 -22.43 -60.87
N GLU B 215 16.65 -21.43 -60.38
CA GLU B 215 17.98 -21.13 -60.90
C GLU B 215 18.93 -20.82 -59.75
N GLN C 1 -1.60 18.49 11.43
CA GLN C 1 -2.92 18.02 10.91
C GLN C 1 -2.91 16.51 10.58
N VAL C 2 -2.15 15.73 11.34
CA VAL C 2 -2.26 14.28 11.26
C VAL C 2 -3.55 13.83 11.92
N GLN C 3 -4.29 12.97 11.22
CA GLN C 3 -5.59 12.49 11.69
C GLN C 3 -5.65 10.98 11.49
N LEU C 4 -6.47 10.33 12.31
CA LEU C 4 -6.69 8.90 12.29
C LEU C 4 -8.17 8.60 12.14
N GLN C 5 -8.48 7.48 11.47
CA GLN C 5 -9.86 7.06 11.35
C GLN C 5 -9.94 5.54 11.22
N GLU C 6 -10.81 4.94 12.03
CA GLU C 6 -11.05 3.51 12.02
C GLU C 6 -12.06 3.18 10.93
N SER C 7 -11.88 1.99 10.35
CA SER C 7 -12.85 1.41 9.44
C SER C 7 -12.86 -0.09 9.64
N GLY C 8 -14.03 -0.68 9.44
CA GLY C 8 -14.21 -2.11 9.54
C GLY C 8 -15.64 -2.44 9.92
N PRO C 9 -16.02 -3.71 9.83
CA PRO C 9 -17.42 -4.09 10.10
C PRO C 9 -17.86 -3.73 11.52
N GLY C 10 -19.08 -3.22 11.64
CA GLY C 10 -19.69 -2.94 12.91
C GLY C 10 -20.37 -4.11 13.57
N LEU C 11 -20.41 -5.27 12.91
CA LEU C 11 -21.10 -6.46 13.43
C LEU C 11 -20.26 -7.69 13.13
N VAL C 12 -19.99 -8.48 14.16
CA VAL C 12 -19.22 -9.71 14.05
C VAL C 12 -19.97 -10.81 14.78
N LYS C 13 -20.09 -11.95 14.16
CA LYS C 13 -20.72 -13.05 14.87
C LYS C 13 -19.75 -13.63 15.89
N PRO C 14 -20.26 -14.17 17.02
CA PRO C 14 -19.34 -14.73 18.01
C PRO C 14 -18.58 -15.93 17.45
N SER C 15 -17.31 -16.03 17.82
CA SER C 15 -16.31 -17.01 17.40
C SER C 15 -15.67 -16.63 16.07
N GLU C 16 -16.22 -15.66 15.32
CA GLU C 16 -15.58 -15.18 14.10
C GLU C 16 -14.56 -14.11 14.48
N THR C 17 -13.84 -13.60 13.48
CA THR C 17 -12.72 -12.70 13.71
C THR C 17 -13.14 -11.26 13.47
N LEU C 18 -12.86 -10.41 14.44
CA LEU C 18 -12.99 -8.97 14.28
C LEU C 18 -11.74 -8.44 13.58
N SER C 19 -11.95 -7.65 12.52
CA SER C 19 -10.85 -7.00 11.83
C SER C 19 -11.19 -5.53 11.63
N LEU C 20 -10.22 -4.68 11.90
CA LEU C 20 -10.36 -3.24 11.77
C LEU C 20 -9.09 -2.68 11.16
N THR C 21 -9.22 -1.53 10.51
CA THR C 21 -8.12 -0.82 9.90
C THR C 21 -8.20 0.64 10.31
N CYS C 22 -7.05 1.21 10.69
CA CYS C 22 -6.89 2.64 10.92
C CYS C 22 -6.13 3.25 9.75
N THR C 23 -6.65 4.35 9.22
CA THR C 23 -6.00 5.07 8.13
C THR C 23 -5.44 6.39 8.68
N VAL C 24 -4.15 6.58 8.47
CA VAL C 24 -3.46 7.81 8.84
C VAL C 24 -3.47 8.76 7.66
N SER C 25 -3.83 10.02 7.92
CA SER C 25 -3.85 11.08 6.91
C SER C 25 -3.04 12.26 7.43
N GLY C 26 -2.72 13.18 6.53
CA GLY C 26 -2.02 14.39 6.91
C GLY C 26 -0.53 14.24 7.17
N GLY C 27 0.04 13.07 6.89
CA GLY C 27 1.46 12.84 7.10
C GLY C 27 1.76 11.35 7.14
N SER C 28 3.02 11.03 6.82
CA SER C 28 3.44 9.62 6.79
C SER C 28 3.51 9.04 8.21
N MET C 29 2.98 7.83 8.37
CA MET C 29 3.06 7.14 9.65
C MET C 29 4.46 6.62 9.97
N SER C 30 5.39 6.70 9.02
CA SER C 30 6.66 5.99 9.10
C SER C 30 7.48 6.39 10.32
N SER C 31 8.00 5.39 11.02
CA SER C 31 8.87 5.56 12.19
C SER C 31 8.14 6.20 13.38
N TYR C 32 6.84 5.92 13.55
CA TYR C 32 6.10 6.22 14.77
C TYR C 32 5.42 4.95 15.29
N TYR C 33 5.17 4.95 16.60
CA TYR C 33 4.44 3.86 17.24
C TYR C 33 2.94 4.12 17.19
N TRP C 34 2.17 3.06 16.98
CA TRP C 34 0.72 3.13 16.86
C TRP C 34 0.10 2.09 17.79
N GLY C 35 -1.20 2.24 18.06
CA GLY C 35 -1.86 1.29 18.94
C GLY C 35 -3.36 1.28 18.76
N TRP C 36 -4.00 0.39 19.50
CA TRP C 36 -5.44 0.30 19.58
C TRP C 36 -5.85 0.31 21.05
N ILE C 37 -6.94 1.03 21.33
CA ILE C 37 -7.52 1.11 22.66
C ILE C 37 -9.02 0.92 22.51
N ARG C 38 -9.60 0.25 23.50
CA ARG C 38 -10.95 -0.28 23.49
C ARG C 38 -11.70 0.26 24.71
N GLN C 39 -12.99 0.56 24.53
CA GLN C 39 -13.84 1.10 25.60
C GLN C 39 -15.14 0.32 25.61
N PRO C 40 -15.28 -0.67 26.49
CA PRO C 40 -16.54 -1.44 26.49
C PRO C 40 -17.63 -0.74 27.27
N ALA C 41 -18.73 -1.46 27.53
CA ALA C 41 -19.87 -0.91 28.26
C ALA C 41 -19.47 -0.36 29.64
N GLY C 42 -18.49 -0.98 30.29
CA GLY C 42 -18.08 -0.55 31.63
C GLY C 42 -17.49 0.85 31.70
N ARG C 43 -17.23 1.50 30.55
CA ARG C 43 -16.71 2.86 30.40
C ARG C 43 -15.19 2.92 30.59
N GLY C 44 -14.55 1.86 31.08
CA GLY C 44 -13.10 1.90 31.22
C GLY C 44 -12.43 1.91 29.86
N LEU C 45 -11.12 2.13 29.87
CA LEU C 45 -10.29 2.07 28.67
C LEU C 45 -9.29 0.94 28.82
N GLU C 46 -9.28 0.04 27.85
CA GLU C 46 -8.40 -1.12 27.83
C GLU C 46 -7.43 -0.99 26.66
N TRP C 47 -6.14 -0.97 26.97
CA TRP C 47 -5.11 -0.93 25.95
C TRP C 47 -4.95 -2.31 25.33
N ILE C 48 -4.99 -2.38 24.01
CA ILE C 48 -4.95 -3.65 23.29
C ILE C 48 -3.53 -4.00 22.86
N GLY C 49 -2.79 -3.05 22.28
CA GLY C 49 -1.41 -3.33 21.91
C GLY C 49 -0.80 -2.15 21.20
N ARG C 50 0.52 -2.25 20.99
CA ARG C 50 1.32 -1.24 20.31
C ARG C 50 2.05 -1.91 19.14
N ILE C 51 2.16 -1.19 18.02
CA ILE C 51 2.84 -1.68 16.82
C ILE C 51 3.72 -0.56 16.28
N PHE C 52 4.97 -0.89 15.99
CA PHE C 52 5.91 0.00 15.32
C PHE C 52 5.95 -0.33 13.83
N THR C 53 6.43 0.62 13.03
CA THR C 53 6.39 0.48 11.57
C THR C 53 7.45 -0.47 11.02
N THR C 54 8.23 -1.10 11.88
CA THR C 54 8.97 -2.30 11.52
C THR C 54 8.09 -3.55 11.58
N GLY C 55 6.86 -3.44 12.08
CA GLY C 55 6.00 -4.59 12.29
C GLY C 55 6.12 -5.24 13.67
N SER C 56 7.05 -4.79 14.50
CA SER C 56 7.17 -5.33 15.85
C SER C 56 6.00 -4.88 16.72
N THR C 57 5.57 -5.76 17.62
CA THR C 57 4.36 -5.55 18.39
C THR C 57 4.60 -5.87 19.87
N ILE C 58 3.79 -5.26 20.73
CA ILE C 58 3.61 -5.65 22.12
C ILE C 58 2.11 -5.64 22.40
N TYR C 59 1.58 -6.78 22.83
CA TYR C 59 0.16 -6.96 23.06
C TYR C 59 -0.15 -7.02 24.54
N ASN C 60 -1.40 -6.67 24.85
CA ASN C 60 -1.96 -6.94 26.16
C ASN C 60 -2.09 -8.45 26.37
N ALA C 61 -1.54 -8.94 27.48
CA ALA C 61 -1.42 -10.38 27.70
C ALA C 61 -2.76 -11.09 27.80
N SER C 62 -3.84 -10.42 28.22
CA SER C 62 -5.13 -11.10 28.26
C SER C 62 -5.58 -11.50 26.86
N LEU C 63 -5.34 -10.64 25.87
CA LEU C 63 -5.76 -10.89 24.50
C LEU C 63 -4.66 -11.45 23.60
N ASN C 64 -3.44 -11.67 24.12
CA ASN C 64 -2.28 -11.94 23.27
C ASN C 64 -2.52 -13.15 22.37
N SER C 65 -3.20 -14.18 22.89
CA SER C 65 -3.44 -15.38 22.10
C SER C 65 -4.26 -15.09 20.85
N ARG C 66 -5.23 -14.17 20.95
CA ARG C 66 -6.21 -13.96 19.89
C ARG C 66 -6.03 -12.66 19.13
N VAL C 67 -5.07 -11.82 19.51
CA VAL C 67 -4.91 -10.51 18.92
C VAL C 67 -3.68 -10.51 18.03
N SER C 68 -3.73 -9.72 16.97
CA SER C 68 -2.56 -9.45 16.15
C SER C 68 -2.75 -8.09 15.48
N MET C 69 -1.64 -7.45 15.17
CA MET C 69 -1.64 -6.17 14.50
C MET C 69 -0.63 -6.22 13.35
N SER C 70 -0.93 -5.46 12.30
CA SER C 70 -0.05 -5.37 11.14
C SER C 70 -0.06 -3.93 10.64
N VAL C 71 1.00 -3.59 9.91
CA VAL C 71 1.21 -2.23 9.44
C VAL C 71 1.62 -2.31 7.97
N ASP C 72 1.19 -1.31 7.19
CA ASP C 72 1.57 -1.16 5.78
C ASP C 72 1.81 0.33 5.56
N THR C 73 3.08 0.75 5.61
CA THR C 73 3.32 2.18 5.53
C THR C 73 3.05 2.73 4.14
N SER C 74 3.05 1.88 3.10
CA SER C 74 2.80 2.43 1.77
C SER C 74 1.32 2.75 1.57
N LYS C 75 0.43 2.15 2.36
CA LYS C 75 -0.97 2.55 2.45
C LYS C 75 -1.23 3.53 3.59
N ASN C 76 -0.24 3.78 4.44
CA ASN C 76 -0.42 4.62 5.63
C ASN C 76 -1.54 4.05 6.52
N GLN C 77 -1.48 2.73 6.74
CA GLN C 77 -2.50 2.03 7.49
C GLN C 77 -1.87 1.05 8.46
N PHE C 78 -2.58 0.81 9.56
CA PHE C 78 -2.29 -0.33 10.42
C PHE C 78 -3.63 -0.92 10.81
N SER C 79 -3.59 -2.17 11.25
N SER C 79 -3.60 -2.18 11.25
CA SER C 79 -4.79 -2.98 11.40
CA SER C 79 -4.81 -2.96 11.40
C SER C 79 -4.77 -3.74 12.72
C SER C 79 -4.78 -3.77 12.70
N LEU C 80 -5.94 -4.27 13.05
CA LEU C 80 -6.15 -5.06 14.25
C LEU C 80 -6.98 -6.27 13.85
N LYS C 81 -6.56 -7.44 14.33
CA LYS C 81 -7.30 -8.68 14.15
C LYS C 81 -7.54 -9.27 15.53
N LEU C 82 -8.80 -9.61 15.82
CA LEU C 82 -9.18 -10.27 17.06
C LEU C 82 -10.02 -11.49 16.69
N THR C 83 -9.53 -12.68 17.05
CA THR C 83 -10.19 -13.93 16.71
C THR C 83 -11.03 -14.42 17.87
N SER C 84 -11.93 -15.35 17.56
CA SER C 84 -12.76 -16.07 18.55
C SER C 84 -13.49 -15.11 19.48
N VAL C 85 -14.14 -14.11 18.89
CA VAL C 85 -14.73 -13.05 19.69
C VAL C 85 -15.99 -13.53 20.40
N THR C 86 -16.23 -12.97 21.59
CA THR C 86 -17.43 -13.17 22.38
C THR C 86 -18.12 -11.82 22.60
N ALA C 87 -19.22 -11.85 23.34
CA ALA C 87 -19.91 -10.60 23.71
C ALA C 87 -18.98 -9.69 24.49
N ALA C 88 -18.03 -10.25 25.24
CA ALA C 88 -17.07 -9.44 25.98
C ALA C 88 -16.25 -8.51 25.08
N ASP C 89 -16.14 -8.82 23.79
CA ASP C 89 -15.35 -8.00 22.88
C ASP C 89 -16.14 -6.85 22.26
N THR C 90 -17.46 -6.81 22.44
CA THR C 90 -18.25 -5.65 22.03
C THR C 90 -17.72 -4.41 22.71
N ALA C 91 -17.35 -3.41 21.92
CA ALA C 91 -16.76 -2.20 22.48
C ALA C 91 -16.64 -1.14 21.39
N LEU C 92 -16.25 0.04 21.83
CA LEU C 92 -15.83 1.12 20.97
C LEU C 92 -14.31 0.99 20.82
N TYR C 93 -13.85 0.84 19.57
CA TYR C 93 -12.44 0.60 19.27
C TYR C 93 -11.83 1.88 18.74
N PHE C 94 -10.76 2.34 19.38
CA PHE C 94 -10.02 3.54 18.99
C PHE C 94 -8.66 3.14 18.47
N CYS C 95 -8.24 3.75 17.37
CA CYS C 95 -6.83 3.71 17.01
C CYS C 95 -6.15 4.97 17.51
N VAL C 96 -4.85 4.85 17.82
CA VAL C 96 -4.12 5.90 18.49
C VAL C 96 -2.68 5.95 18.01
N ARG C 97 -2.04 7.09 18.26
CA ARG C 97 -0.60 7.22 18.18
C ARG C 97 -0.03 7.08 19.60
N ASP C 98 0.97 6.23 19.75
CA ASP C 98 1.70 6.03 21.00
C ASP C 98 2.96 6.89 20.88
N ARG C 99 2.82 8.16 21.25
CA ARG C 99 3.85 9.15 20.96
C ARG C 99 4.96 9.09 22.00
N ARG C 100 6.21 9.07 21.55
N ARG C 100 6.21 9.10 21.54
CA ARG C 100 7.40 9.28 22.39
CA ARG C 100 7.39 9.27 22.39
C ARG C 100 8.01 10.61 21.96
C ARG C 100 8.03 10.60 21.98
N GLY C 101 7.60 11.68 22.62
CA GLY C 101 7.99 13.04 22.23
C GLY C 101 8.91 13.70 23.22
N ARG C 102 9.75 14.60 22.71
CA ARG C 102 10.64 15.39 23.56
C ARG C 102 9.97 16.72 23.91
N SER C 103 9.87 17.01 25.19
CA SER C 103 9.22 18.22 25.66
C SER C 103 10.24 19.35 25.77
N HIS C 104 9.72 20.55 26.02
CA HIS C 104 10.58 21.74 26.10
C HIS C 104 11.61 21.66 27.22
N ASP C 105 11.45 20.75 28.19
CA ASP C 105 12.46 20.52 29.21
C ASP C 105 13.55 19.54 28.76
N SER C 106 13.58 19.19 27.47
CA SER C 106 14.61 18.35 26.85
C SER C 106 14.53 16.89 27.28
N ASN C 107 13.42 16.47 27.89
CA ASN C 107 13.18 15.10 28.29
C ASN C 107 12.15 14.46 27.38
N TRP C 108 12.16 13.13 27.33
CA TRP C 108 11.30 12.34 26.45
C TRP C 108 10.15 11.72 27.24
N TYR C 109 8.92 11.88 26.74
CA TYR C 109 7.71 11.43 27.42
C TYR C 109 6.85 10.59 26.49
N TRP C 110 6.16 9.60 27.07
CA TRP C 110 5.24 8.73 26.34
C TRP C 110 3.79 9.14 26.63
N TYR C 111 2.97 9.23 25.58
CA TYR C 111 1.55 9.55 25.78
C TYR C 111 0.79 9.30 24.49
N PHE C 112 -0.55 9.22 24.61
CA PHE C 112 -1.45 9.02 23.46
C PHE C 112 -2.03 10.38 23.06
N ASP C 113 -1.37 11.06 22.12
CA ASP C 113 -1.81 12.41 21.73
C ASP C 113 -2.81 12.42 20.58
N LEU C 114 -2.85 11.40 19.74
CA LEU C 114 -3.77 11.32 18.61
C LEU C 114 -4.69 10.13 18.76
N TRP C 115 -5.96 10.34 18.47
CA TRP C 115 -6.96 9.30 18.56
C TRP C 115 -7.87 9.42 17.35
N GLY C 116 -8.32 8.28 16.84
CA GLY C 116 -9.45 8.29 15.95
C GLY C 116 -10.75 8.56 16.70
N ARG C 117 -11.81 8.84 15.93
CA ARG C 117 -13.13 9.05 16.50
C ARG C 117 -13.71 7.79 17.13
N GLY C 118 -13.19 6.62 16.80
CA GLY C 118 -13.70 5.35 17.29
C GLY C 118 -14.79 4.78 16.41
N THR C 119 -14.86 3.46 16.40
CA THR C 119 -15.90 2.72 15.69
C THR C 119 -16.45 1.65 16.63
N LEU C 120 -17.79 1.57 16.71
CA LEU C 120 -18.44 0.58 17.53
C LEU C 120 -18.42 -0.76 16.83
N VAL C 121 -18.10 -1.81 17.58
CA VAL C 121 -18.16 -3.18 17.10
C VAL C 121 -19.08 -3.94 18.04
N THR C 122 -20.14 -4.52 17.49
CA THR C 122 -21.12 -5.29 18.24
C THR C 122 -20.93 -6.77 17.92
N VAL C 123 -20.83 -7.60 18.96
CA VAL C 123 -20.69 -9.04 18.82
C VAL C 123 -22.03 -9.67 19.18
N SER C 124 -22.70 -10.25 18.18
CA SER C 124 -23.95 -10.97 18.39
C SER C 124 -24.25 -11.75 17.13
N SER C 125 -25.22 -12.66 17.24
CA SER C 125 -25.66 -13.49 16.13
C SER C 125 -26.87 -12.92 15.39
N ALA C 126 -27.40 -11.78 15.80
CA ALA C 126 -28.54 -11.19 15.12
C ALA C 126 -28.09 -10.50 13.84
N SER C 127 -28.93 -10.59 12.81
CA SER C 127 -28.59 -10.02 11.51
C SER C 127 -28.92 -8.54 11.47
N THR C 128 -28.41 -7.87 10.43
CA THR C 128 -28.59 -6.43 10.31
C THR C 128 -29.98 -6.11 9.81
N LYS C 129 -30.51 -4.98 10.27
CA LYS C 129 -31.79 -4.46 9.82
C LYS C 129 -31.64 -2.96 9.60
N GLY C 130 -32.03 -2.48 8.43
CA GLY C 130 -32.00 -1.06 8.17
C GLY C 130 -33.16 -0.38 8.88
N PRO C 131 -33.01 0.91 9.20
CA PRO C 131 -34.08 1.60 9.93
C PRO C 131 -35.21 2.07 9.02
N SER C 132 -36.36 2.31 9.65
CA SER C 132 -37.45 3.08 9.07
C SER C 132 -37.43 4.47 9.68
N VAL C 133 -37.56 5.49 8.83
CA VAL C 133 -37.53 6.88 9.25
C VAL C 133 -38.92 7.46 9.07
N PHE C 134 -39.41 8.14 10.11
CA PHE C 134 -40.72 8.77 10.10
C PHE C 134 -40.61 10.19 10.63
N PRO C 135 -41.41 11.13 10.11
CA PRO C 135 -41.31 12.50 10.61
C PRO C 135 -42.03 12.69 11.93
N LEU C 136 -41.47 13.57 12.74
CA LEU C 136 -42.12 14.09 13.95
C LEU C 136 -42.56 15.50 13.56
N ALA C 137 -43.77 15.60 13.02
CA ALA C 137 -44.19 16.84 12.38
C ALA C 137 -44.49 17.91 13.44
N PRO C 138 -44.19 19.17 13.15
CA PRO C 138 -44.46 20.21 14.16
C PRO C 138 -45.94 20.54 14.26
N SER C 139 -46.35 20.91 15.47
CA SER C 139 -47.75 21.25 15.75
C SER C 139 -48.10 22.62 15.18
N SER C 144 -45.44 27.46 20.12
CA SER C 144 -45.60 28.07 21.44
C SER C 144 -44.44 29.02 21.77
N GLY C 145 -44.79 30.25 22.09
CA GLY C 145 -43.79 31.27 22.40
C GLY C 145 -42.90 31.66 21.24
N GLY C 146 -43.28 31.30 20.01
CA GLY C 146 -42.46 31.54 18.85
C GLY C 146 -41.51 30.42 18.48
N THR C 147 -41.48 29.32 19.25
CA THR C 147 -40.63 28.17 18.96
C THR C 147 -41.50 26.98 18.59
N ALA C 148 -41.07 26.26 17.57
CA ALA C 148 -41.66 24.99 17.19
C ALA C 148 -40.60 23.91 17.34
N ALA C 149 -41.04 22.70 17.62
CA ALA C 149 -40.19 21.52 17.67
C ALA C 149 -40.62 20.57 16.57
N LEU C 150 -39.63 19.92 15.96
CA LEU C 150 -39.86 18.94 14.92
C LEU C 150 -38.72 17.94 15.01
N GLY C 151 -38.87 16.81 14.33
CA GLY C 151 -37.84 15.81 14.43
C GLY C 151 -38.03 14.68 13.44
N CYS C 152 -37.24 13.64 13.64
CA CYS C 152 -37.33 12.40 12.90
C CYS C 152 -37.19 11.25 13.88
N LEU C 153 -38.00 10.23 13.68
CA LEU C 153 -37.97 9.01 14.46
C LEU C 153 -37.31 7.91 13.62
N VAL C 154 -36.22 7.34 14.14
CA VAL C 154 -35.47 6.29 13.49
C VAL C 154 -35.76 5.00 14.22
N LYS C 155 -36.39 4.05 13.53
CA LYS C 155 -37.07 2.93 14.16
C LYS C 155 -36.62 1.61 13.57
N ASP C 156 -36.39 0.63 14.45
CA ASP C 156 -36.25 -0.78 14.11
C ASP C 156 -35.01 -1.01 13.23
N TYR C 157 -33.86 -0.91 13.88
CA TYR C 157 -32.59 -1.16 13.22
C TYR C 157 -31.66 -1.91 14.16
N PHE C 158 -30.71 -2.62 13.56
CA PHE C 158 -29.68 -3.31 14.31
C PHE C 158 -28.49 -3.51 13.40
N PRO C 159 -27.24 -3.36 13.89
CA PRO C 159 -26.82 -2.90 15.22
C PRO C 159 -26.72 -1.38 15.27
N GLU C 160 -26.14 -0.85 16.33
N GLU C 160 -26.14 -0.85 16.33
CA GLU C 160 -25.73 0.54 16.36
CA GLU C 160 -25.72 0.53 16.36
C GLU C 160 -24.45 0.71 15.53
C GLU C 160 -24.46 0.70 15.51
N PRO C 161 -24.12 1.94 15.09
CA PRO C 161 -24.84 3.21 15.31
C PRO C 161 -25.66 3.68 14.12
N VAL C 162 -26.51 4.64 14.40
CA VAL C 162 -27.14 5.49 13.41
C VAL C 162 -26.55 6.88 13.59
N THR C 163 -26.23 7.54 12.48
CA THR C 163 -25.89 8.94 12.46
C THR C 163 -27.08 9.72 11.92
N VAL C 164 -27.35 10.89 12.51
CA VAL C 164 -28.42 11.77 12.05
C VAL C 164 -27.84 13.18 11.94
N SER C 165 -28.05 13.81 10.79
CA SER C 165 -27.76 15.23 10.60
C SER C 165 -29.02 15.91 10.09
N TRP C 166 -28.98 17.24 10.06
CA TRP C 166 -30.11 18.05 9.65
C TRP C 166 -29.68 19.03 8.58
N ASN C 167 -30.44 19.05 7.48
CA ASN C 167 -30.14 19.89 6.33
C ASN C 167 -28.71 19.66 5.86
N SER C 168 -28.35 18.39 5.78
CA SER C 168 -26.99 17.93 5.43
C SER C 168 -25.94 18.68 6.24
N GLY C 169 -26.20 18.85 7.55
CA GLY C 169 -25.22 19.40 8.47
C GLY C 169 -25.24 20.90 8.62
N ALA C 170 -26.06 21.61 7.84
CA ALA C 170 -26.13 23.07 7.98
C ALA C 170 -26.85 23.48 9.25
N LEU C 171 -27.77 22.66 9.75
CA LEU C 171 -28.56 22.97 10.94
C LEU C 171 -28.06 22.10 12.08
N THR C 172 -27.43 22.75 13.08
CA THR C 172 -26.91 22.05 14.25
C THR C 172 -27.31 22.67 15.58
N SER C 173 -27.69 23.94 15.62
CA SER C 173 -28.16 24.52 16.87
C SER C 173 -29.47 23.89 17.28
N GLY C 174 -29.61 23.61 18.57
CA GLY C 174 -30.86 23.07 19.08
C GLY C 174 -31.17 21.66 18.66
N VAL C 175 -30.20 20.93 18.12
CA VAL C 175 -30.41 19.54 17.72
C VAL C 175 -30.16 18.64 18.92
N HIS C 176 -31.07 17.71 19.18
CA HIS C 176 -30.88 16.66 20.17
C HIS C 176 -31.17 15.33 19.49
N THR C 177 -30.14 14.52 19.29
CA THR C 177 -30.29 13.15 18.84
C THR C 177 -30.16 12.27 20.08
N PHE C 178 -31.21 11.56 20.39
CA PHE C 178 -31.25 10.85 21.64
C PHE C 178 -30.46 9.55 21.54
N PRO C 179 -29.89 9.08 22.66
CA PRO C 179 -29.28 7.75 22.64
C PRO C 179 -30.31 6.70 22.25
N ALA C 180 -29.86 5.70 21.52
CA ALA C 180 -30.74 4.63 21.07
C ALA C 180 -31.21 3.84 22.28
N VAL C 181 -32.47 3.41 22.23
CA VAL C 181 -33.06 2.53 23.22
C VAL C 181 -33.34 1.20 22.55
N LEU C 182 -32.99 0.11 23.24
CA LEU C 182 -33.27 -1.23 22.73
C LEU C 182 -34.70 -1.61 23.05
N GLN C 183 -35.49 -1.89 22.02
CA GLN C 183 -36.88 -2.26 22.19
C GLN C 183 -37.00 -3.74 22.55
N SER C 184 -38.20 -4.13 22.95
CA SER C 184 -38.45 -5.51 23.34
C SER C 184 -38.23 -6.48 22.17
N SER C 185 -38.39 -5.99 20.94
CA SER C 185 -38.16 -6.80 19.76
C SER C 185 -36.69 -7.16 19.55
N GLY C 186 -35.77 -6.52 20.27
CA GLY C 186 -34.35 -6.68 20.03
C GLY C 186 -33.76 -5.69 19.06
N LEU C 187 -34.56 -4.77 18.52
CA LEU C 187 -34.10 -3.73 17.61
C LEU C 187 -34.00 -2.40 18.35
N TYR C 188 -33.12 -1.55 17.86
CA TYR C 188 -32.88 -0.24 18.43
C TYR C 188 -33.80 0.80 17.80
N SER C 189 -34.00 1.89 18.54
CA SER C 189 -34.84 2.99 18.05
C SER C 189 -34.41 4.28 18.72
N LEU C 190 -34.42 5.37 17.95
CA LEU C 190 -34.12 6.68 18.48
C LEU C 190 -34.91 7.72 17.71
N SER C 191 -34.99 8.91 18.28
CA SER C 191 -35.48 10.08 17.56
C SER C 191 -34.44 11.19 17.67
N SER C 192 -34.51 12.10 16.69
CA SER C 192 -33.71 13.32 16.67
C SER C 192 -34.66 14.49 16.49
N VAL C 193 -34.44 15.56 17.27
CA VAL C 193 -35.36 16.69 17.31
C VAL C 193 -34.59 18.00 17.20
N VAL C 194 -35.32 19.03 16.74
CA VAL C 194 -34.79 20.39 16.62
C VAL C 194 -35.87 21.38 17.04
N THR C 195 -35.47 22.39 17.81
CA THR C 195 -36.31 23.57 18.03
C THR C 195 -35.91 24.63 17.01
N VAL C 196 -36.89 25.19 16.32
CA VAL C 196 -36.68 26.22 15.30
C VAL C 196 -37.66 27.35 15.56
N PRO C 197 -37.49 28.52 14.95
CA PRO C 197 -38.51 29.57 15.09
C PRO C 197 -39.83 29.11 14.46
N SER C 198 -40.93 29.43 15.14
CA SER C 198 -42.24 29.10 14.60
C SER C 198 -42.50 29.80 13.27
N SER C 199 -41.91 30.98 13.06
CA SER C 199 -42.13 31.72 11.82
C SER C 199 -41.38 31.13 10.63
N SER C 200 -40.41 30.25 10.86
CA SER C 200 -39.61 29.70 9.78
C SER C 200 -40.26 28.50 9.09
N LEU C 201 -41.35 27.96 9.63
CA LEU C 201 -41.91 26.71 9.11
C LEU C 201 -42.47 26.86 7.69
N GLY C 202 -42.70 28.09 7.23
CA GLY C 202 -43.13 28.34 5.87
C GLY C 202 -41.98 28.73 4.95
N THR C 203 -40.94 29.33 5.52
CA THR C 203 -39.86 29.92 4.72
C THR C 203 -38.70 28.95 4.48
N GLN C 204 -38.49 27.96 5.36
CA GLN C 204 -37.35 27.05 5.25
C GLN C 204 -37.81 25.61 5.41
N THR C 205 -37.21 24.73 4.62
CA THR C 205 -37.47 23.30 4.70
C THR C 205 -36.50 22.66 5.69
N TYR C 206 -36.92 21.51 6.22
CA TYR C 206 -36.13 20.75 7.18
C TYR C 206 -36.08 19.30 6.74
N ILE C 207 -34.87 18.77 6.63
CA ILE C 207 -34.62 17.40 6.21
C ILE C 207 -33.66 16.80 7.21
N CYS C 208 -33.99 15.62 7.71
CA CYS C 208 -33.08 14.81 8.52
C CYS C 208 -32.39 13.81 7.61
N ASN C 209 -31.06 13.76 7.68
CA ASN C 209 -30.24 12.85 6.89
C ASN C 209 -29.83 11.71 7.81
N VAL C 210 -30.30 10.50 7.51
CA VAL C 210 -30.12 9.34 8.38
C VAL C 210 -29.27 8.33 7.62
N ASN C 211 -28.14 7.96 8.23
CA ASN C 211 -27.23 6.96 7.68
C ASN C 211 -27.09 5.82 8.67
N HIS C 212 -27.25 4.59 8.18
CA HIS C 212 -27.02 3.37 8.94
C HIS C 212 -26.00 2.57 8.13
N LYS C 213 -24.73 2.74 8.47
CA LYS C 213 -23.65 2.11 7.72
C LYS C 213 -23.75 0.59 7.64
N PRO C 214 -24.01 -0.14 8.73
CA PRO C 214 -24.03 -1.62 8.64
C PRO C 214 -24.99 -2.20 7.62
N SER C 215 -26.07 -1.47 7.28
CA SER C 215 -27.07 -1.95 6.33
C SER C 215 -27.07 -1.17 5.01
N ASN C 216 -26.13 -0.22 4.83
CA ASN C 216 -25.99 0.53 3.58
C ASN C 216 -27.26 1.30 3.24
N THR C 217 -27.93 1.87 4.24
CA THR C 217 -29.13 2.66 4.05
C THR C 217 -28.85 4.12 4.39
N LYS C 218 -29.11 5.00 3.43
CA LYS C 218 -28.95 6.44 3.58
C LYS C 218 -30.28 7.08 3.19
N VAL C 219 -30.95 7.71 4.15
CA VAL C 219 -32.31 8.20 3.97
C VAL C 219 -32.35 9.68 4.31
N ASP C 220 -33.01 10.46 3.45
CA ASP C 220 -33.34 11.85 3.69
C ASP C 220 -34.86 11.95 3.75
N LYS C 221 -35.39 12.42 4.88
CA LYS C 221 -36.83 12.58 5.07
C LYS C 221 -37.12 14.06 5.31
N ARG C 222 -37.98 14.62 4.47
CA ARG C 222 -38.47 15.98 4.70
C ARG C 222 -39.55 15.96 5.78
N VAL C 223 -39.46 16.91 6.69
CA VAL C 223 -40.38 17.01 7.83
C VAL C 223 -41.15 18.31 7.66
N GLU C 224 -42.38 18.21 7.18
CA GLU C 224 -43.28 19.32 6.96
C GLU C 224 -44.41 19.30 7.98
N PRO C 225 -45.12 20.41 8.18
CA PRO C 225 -46.34 20.36 8.99
C PRO C 225 -47.40 19.49 8.33
N LYS C 226 -48.32 18.99 9.15
CA LYS C 226 -49.40 18.13 8.69
C LYS C 226 -50.54 18.95 8.08
N ASP D 1 1.05 -5.76 36.04
CA ASP D 1 0.39 -4.52 35.55
C ASP D 1 0.38 -3.47 36.66
N ILE D 2 0.46 -2.21 36.26
CA ILE D 2 0.34 -1.10 37.20
C ILE D 2 -1.14 -0.76 37.28
N VAL D 3 -1.73 -0.96 38.44
CA VAL D 3 -3.14 -0.65 38.67
C VAL D 3 -3.26 0.83 38.97
N MET D 4 -4.16 1.51 38.26
CA MET D 4 -4.45 2.94 38.46
C MET D 4 -5.83 3.05 39.10
N THR D 5 -5.92 3.74 40.24
CA THR D 5 -7.18 3.96 40.94
C THR D 5 -7.39 5.45 41.14
N GLN D 6 -8.56 5.93 40.72
CA GLN D 6 -8.92 7.34 40.77
C GLN D 6 -9.98 7.54 41.82
N SER D 7 -9.94 8.72 42.46
CA SER D 7 -10.97 9.09 43.40
C SER D 7 -11.26 10.58 43.25
N PRO D 8 -12.54 10.98 43.28
CA PRO D 8 -13.76 10.16 43.39
C PRO D 8 -14.03 9.40 42.10
N SER D 9 -14.88 8.38 42.10
CA SER D 9 -15.30 7.78 40.84
C SER D 9 -16.29 8.67 40.12
N SER D 10 -17.06 9.48 40.85
CA SER D 10 -17.93 10.47 40.24
C SER D 10 -18.15 11.61 41.22
N LEU D 11 -18.53 12.77 40.68
CA LEU D 11 -18.74 13.97 41.47
C LEU D 11 -19.62 14.94 40.69
N SER D 12 -20.34 15.75 41.46
CA SER D 12 -21.18 16.82 40.94
C SER D 12 -20.62 18.14 41.48
N ALA D 13 -20.44 19.12 40.58
CA ALA D 13 -19.88 20.40 40.96
C ALA D 13 -20.54 21.48 40.12
N SER D 14 -20.39 22.74 40.56
CA SER D 14 -20.97 23.88 39.87
C SER D 14 -19.93 24.63 39.05
N VAL D 15 -20.43 25.39 38.07
CA VAL D 15 -19.57 26.19 37.21
C VAL D 15 -18.84 27.21 38.07
N GLY D 16 -17.51 27.24 37.93
CA GLY D 16 -16.67 28.06 38.75
C GLY D 16 -16.06 27.36 39.95
N ASP D 17 -16.48 26.12 40.24
CA ASP D 17 -15.93 25.40 41.38
C ASP D 17 -14.56 24.83 41.05
N ARG D 18 -13.80 24.59 42.12
CA ARG D 18 -12.57 23.83 42.01
C ARG D 18 -12.90 22.34 42.08
N VAL D 19 -12.34 21.56 41.15
CA VAL D 19 -12.53 20.12 41.09
C VAL D 19 -11.16 19.46 41.22
N ILE D 20 -11.04 18.52 42.15
CA ILE D 20 -9.77 17.89 42.50
C ILE D 20 -9.94 16.39 42.34
N ILE D 21 -9.12 15.76 41.49
CA ILE D 21 -9.19 14.34 41.22
C ILE D 21 -7.85 13.72 41.62
N THR D 22 -7.91 12.67 42.44
CA THR D 22 -6.71 11.96 42.89
C THR D 22 -6.54 10.67 42.11
N CYS D 23 -5.30 10.35 41.78
CA CYS D 23 -4.93 9.11 41.11
C CYS D 23 -3.82 8.45 41.91
N ARG D 24 -4.05 7.20 42.32
CA ARG D 24 -3.05 6.38 43.02
C ARG D 24 -2.65 5.21 42.14
N THR D 25 -1.38 4.82 42.21
CA THR D 25 -0.82 3.76 41.39
C THR D 25 -0.24 2.66 42.27
N SER D 26 -0.36 1.41 41.84
CA SER D 26 0.10 0.27 42.64
C SER D 26 1.62 0.16 42.68
N GLN D 27 2.33 0.91 41.86
CA GLN D 27 3.78 0.89 41.83
C GLN D 27 4.26 2.31 41.57
N THR D 28 5.48 2.58 42.00
CA THR D 28 6.10 3.88 41.79
C THR D 28 6.31 4.14 40.30
N LEU D 29 5.82 5.28 39.83
CA LEU D 29 6.03 5.72 38.46
C LEU D 29 7.28 6.58 38.37
N SER D 30 8.01 6.45 37.27
CA SER D 30 9.21 7.25 37.06
C SER D 30 8.91 8.60 36.39
N ARG D 31 7.89 8.67 35.53
CA ARG D 31 7.72 9.85 34.69
C ARG D 31 6.35 10.00 34.05
N ASN D 32 5.90 8.99 33.30
CA ASN D 32 4.85 9.19 32.31
C ASN D 32 3.48 8.93 32.93
N LEU D 33 3.01 9.91 33.71
CA LEU D 33 1.64 9.97 34.20
C LEU D 33 0.88 10.96 33.34
N ASN D 34 -0.16 10.47 32.67
CA ASN D 34 -0.94 11.24 31.71
C ASN D 34 -2.38 11.35 32.21
N TRP D 35 -3.00 12.51 31.91
CA TRP D 35 -4.41 12.77 32.19
C TRP D 35 -5.18 13.03 30.89
N TYR D 36 -6.37 12.41 30.78
CA TYR D 36 -7.23 12.57 29.62
C TYR D 36 -8.61 13.05 30.02
N GLN D 37 -9.25 13.74 29.08
CA GLN D 37 -10.63 14.20 29.20
C GLN D 37 -11.43 13.61 28.04
N GLN D 38 -12.50 12.91 28.36
CA GLN D 38 -13.39 12.35 27.36
C GLN D 38 -14.77 12.98 27.51
N LYS D 39 -15.15 13.82 26.54
CA LYS D 39 -16.49 14.36 26.46
C LYS D 39 -17.41 13.34 25.79
N PRO D 40 -18.74 13.49 25.92
CA PRO D 40 -19.64 12.50 25.32
C PRO D 40 -19.51 12.42 23.82
N GLY D 41 -19.48 11.19 23.29
CA GLY D 41 -19.39 10.99 21.86
C GLY D 41 -18.06 11.33 21.24
N GLU D 42 -17.02 11.60 22.03
CA GLU D 42 -15.71 11.95 21.56
C GLU D 42 -14.70 10.94 22.08
N ALA D 43 -13.54 10.91 21.44
CA ALA D 43 -12.43 10.15 21.99
C ALA D 43 -11.81 10.92 23.13
N PRO D 44 -11.13 10.24 24.05
CA PRO D 44 -10.36 10.96 25.07
C PRO D 44 -9.35 11.90 24.43
N LYS D 45 -9.16 13.03 25.10
CA LYS D 45 -8.23 14.08 24.67
C LYS D 45 -7.16 14.19 25.74
N LEU D 46 -5.90 14.19 25.32
CA LEU D 46 -4.80 14.35 26.26
C LEU D 46 -4.79 15.78 26.82
N LEU D 47 -4.79 15.89 28.15
CA LEU D 47 -4.66 17.17 28.83
C LEU D 47 -3.24 17.44 29.27
N ILE D 48 -2.63 16.47 29.95
CA ILE D 48 -1.39 16.64 30.70
C ILE D 48 -0.56 15.38 30.50
N TYR D 49 0.74 15.56 30.30
CA TYR D 49 1.69 14.46 30.30
C TYR D 49 2.81 14.77 31.27
N GLY D 50 3.57 13.74 31.62
CA GLY D 50 4.65 13.91 32.57
C GLY D 50 4.18 14.43 33.91
N ALA D 51 2.97 14.05 34.32
CA ALA D 51 2.35 14.46 35.59
C ALA D 51 1.91 15.92 35.61
N SER D 52 2.76 16.85 35.14
CA SER D 52 2.50 18.28 35.30
C SER D 52 2.60 19.12 34.03
N THR D 53 2.97 18.56 32.88
CA THR D 53 3.18 19.36 31.68
C THR D 53 1.89 19.45 30.86
N LEU D 54 1.42 20.68 30.65
CA LEU D 54 0.21 20.90 29.86
C LEU D 54 0.49 20.65 28.38
N GLN D 55 -0.37 19.84 27.76
CA GLN D 55 -0.38 19.68 26.32
C GLN D 55 -0.77 21.00 25.65
N SER D 56 -0.25 21.22 24.43
CA SER D 56 -0.54 22.45 23.73
C SER D 56 -2.03 22.54 23.39
N GLY D 57 -2.56 23.76 23.42
CA GLY D 57 -3.98 23.98 23.21
C GLY D 57 -4.87 23.77 24.41
N VAL D 58 -4.37 23.13 25.47
CA VAL D 58 -5.22 22.80 26.62
C VAL D 58 -5.34 24.04 27.51
N PRO D 59 -6.53 24.39 28.01
CA PRO D 59 -6.65 25.63 28.78
C PRO D 59 -5.93 25.56 30.13
N SER D 60 -5.53 26.75 30.60
CA SER D 60 -4.77 26.87 31.84
C SER D 60 -5.55 26.43 33.08
N ARG D 61 -6.86 26.28 32.96
CA ARG D 61 -7.75 25.65 33.96
C ARG D 61 -7.18 24.37 34.56
N PHE D 62 -6.46 23.61 33.76
CA PHE D 62 -6.07 22.24 34.09
C PHE D 62 -4.61 22.23 34.54
N THR D 63 -4.38 21.74 35.76
CA THR D 63 -3.03 21.55 36.28
C THR D 63 -2.91 20.15 36.87
N GLY D 64 -1.71 19.59 36.76
CA GLY D 64 -1.40 18.32 37.35
C GLY D 64 -0.17 18.44 38.23
N SER D 65 -0.13 17.61 39.26
CA SER D 65 1.02 17.55 40.14
C SER D 65 1.13 16.15 40.70
N GLY D 66 2.21 15.91 41.42
CA GLY D 66 2.44 14.67 42.13
C GLY D 66 3.66 13.95 41.60
N SER D 67 3.93 12.82 42.24
CA SER D 67 5.12 12.02 41.97
C SER D 67 4.93 10.67 42.65
N GLY D 68 5.78 9.73 42.29
CA GLY D 68 5.78 8.43 42.93
C GLY D 68 4.51 7.64 42.63
N THR D 69 3.61 7.57 43.62
CA THR D 69 2.35 6.85 43.48
C THR D 69 1.13 7.73 43.67
N ASP D 70 1.30 9.07 43.69
CA ASP D 70 0.31 9.98 44.24
C ASP D 70 0.25 11.22 43.36
N PHE D 71 -0.80 11.31 42.54
CA PHE D 71 -0.93 12.33 41.51
C PHE D 71 -2.30 12.99 41.60
N THR D 72 -2.38 14.26 41.20
CA THR D 72 -3.62 15.02 41.32
C THR D 72 -3.85 15.91 40.11
N LEU D 73 -5.07 15.85 39.58
CA LEU D 73 -5.55 16.78 38.56
C LEU D 73 -6.46 17.81 39.23
N ILE D 74 -6.23 19.09 38.96
CA ILE D 74 -7.08 20.17 39.46
C ILE D 74 -7.65 20.92 38.28
N ILE D 75 -8.97 21.04 38.24
CA ILE D 75 -9.68 22.00 37.40
C ILE D 75 -9.99 23.20 38.30
N SER D 76 -9.30 24.32 38.07
CA SER D 76 -9.35 25.41 39.04
C SER D 76 -10.70 26.10 39.06
N SER D 77 -11.39 26.14 37.93
CA SER D 77 -12.66 26.86 37.82
C SER D 77 -13.49 26.17 36.73
N LEU D 78 -14.30 25.22 37.16
CA LEU D 78 -15.06 24.38 36.24
C LEU D 78 -15.92 25.20 35.28
N GLN D 79 -15.92 24.80 34.02
CA GLN D 79 -16.73 25.39 32.96
C GLN D 79 -17.72 24.35 32.43
N PRO D 80 -18.84 24.79 31.84
CA PRO D 80 -19.84 23.81 31.37
C PRO D 80 -19.27 22.76 30.41
N GLU D 81 -18.34 23.14 29.57
CA GLU D 81 -17.77 22.22 28.62
C GLU D 81 -16.91 21.12 29.24
N ASP D 82 -16.55 21.29 30.49
CA ASP D 82 -15.77 20.30 31.21
C ASP D 82 -16.59 19.11 31.68
N PHE D 83 -17.89 19.08 31.40
CA PHE D 83 -18.65 17.84 31.54
C PHE D 83 -17.99 16.74 30.73
N ALA D 84 -17.53 15.70 31.42
CA ALA D 84 -16.67 14.70 30.81
C ALA D 84 -16.28 13.68 31.87
N THR D 85 -15.69 12.58 31.40
CA THR D 85 -15.01 11.61 32.23
C THR D 85 -13.50 11.82 32.10
N TYR D 86 -12.81 11.85 33.23
CA TYR D 86 -11.39 12.13 33.29
C TYR D 86 -10.64 10.87 33.71
N TYR D 87 -9.54 10.57 33.01
CA TYR D 87 -8.75 9.38 33.25
C TYR D 87 -7.29 9.72 33.52
N CYS D 88 -6.68 9.04 34.48
CA CYS D 88 -5.24 8.97 34.54
C CYS D 88 -4.76 7.70 33.85
N GLN D 89 -3.47 7.68 33.54
CA GLN D 89 -2.91 6.69 32.62
C GLN D 89 -1.41 6.75 32.75
N GLN D 90 -0.77 5.58 32.82
CA GLN D 90 0.69 5.49 32.88
C GLN D 90 1.20 4.86 31.60
N SER D 91 2.28 5.45 31.07
CA SER D 91 3.03 4.90 29.95
C SER D 91 4.50 4.73 30.31
N ASP D 92 4.78 4.36 31.56
CA ASP D 92 6.12 3.99 31.94
C ASP D 92 6.49 2.59 31.52
N ASN D 93 5.52 1.70 31.30
CA ASN D 93 5.82 0.38 30.80
C ASN D 93 4.62 -0.14 30.01
N THR D 94 4.76 -1.36 29.49
CA THR D 94 3.65 -2.10 28.93
C THR D 94 3.19 -3.18 29.91
N PRO D 95 1.88 -3.45 30.04
CA PRO D 95 0.79 -2.81 29.33
C PRO D 95 0.56 -1.40 29.81
N ARG D 96 0.19 -0.50 28.89
CA ARG D 96 -0.34 0.77 29.31
C ARG D 96 -1.65 0.52 30.04
N THR D 97 -1.86 1.25 31.13
CA THR D 97 -3.01 1.07 32.01
C THR D 97 -3.66 2.42 32.26
N PHE D 98 -4.99 2.43 32.25
CA PHE D 98 -5.80 3.60 32.58
C PHE D 98 -6.46 3.39 33.94
N GLY D 99 -6.81 4.50 34.59
CA GLY D 99 -7.72 4.46 35.73
C GLY D 99 -9.13 4.18 35.26
N GLN D 100 -10.02 4.01 36.25
CA GLN D 100 -11.40 3.65 35.93
C GLN D 100 -12.24 4.83 35.50
N GLY D 101 -11.72 6.05 35.59
CA GLY D 101 -12.44 7.23 35.15
C GLY D 101 -13.13 7.94 36.30
N THR D 102 -13.18 9.27 36.22
CA THR D 102 -13.92 10.12 37.15
C THR D 102 -14.95 10.90 36.34
N LYS D 103 -16.23 10.55 36.50
CA LYS D 103 -17.32 11.29 35.86
C LYS D 103 -17.55 12.60 36.60
N VAL D 104 -17.43 13.71 35.88
CA VAL D 104 -17.69 15.04 36.41
C VAL D 104 -19.02 15.50 35.82
N GLU D 105 -20.04 15.60 36.68
CA GLU D 105 -21.35 16.10 36.34
C GLU D 105 -21.47 17.52 36.89
N ILE D 106 -22.31 18.32 36.26
CA ILE D 106 -22.34 19.76 36.52
C ILE D 106 -23.68 20.10 37.19
N LYS D 107 -23.60 20.68 38.39
CA LYS D 107 -24.78 21.22 39.06
C LYS D 107 -25.07 22.63 38.55
N ARG D 108 -26.34 22.88 38.21
CA ARG D 108 -26.77 24.18 37.71
C ARG D 108 -28.12 24.52 38.33
N THR D 109 -28.60 25.75 38.08
CA THR D 109 -29.91 26.12 38.59
C THR D 109 -31.00 25.31 37.92
N VAL D 110 -32.15 25.27 38.59
CA VAL D 110 -33.30 24.54 38.07
C VAL D 110 -33.71 25.15 36.73
N ALA D 111 -34.10 24.30 35.80
CA ALA D 111 -34.69 24.73 34.54
C ALA D 111 -35.88 23.83 34.25
N ALA D 112 -37.04 24.45 34.05
CA ALA D 112 -38.25 23.70 33.74
C ALA D 112 -38.23 23.24 32.28
N PRO D 113 -38.72 22.04 31.98
CA PRO D 113 -38.74 21.60 30.58
C PRO D 113 -39.82 22.30 29.76
N SER D 114 -39.47 22.62 28.52
CA SER D 114 -40.45 22.86 27.46
C SER D 114 -40.93 21.52 26.95
N VAL D 115 -42.24 21.32 26.90
CA VAL D 115 -42.84 20.03 26.56
C VAL D 115 -43.49 20.12 25.19
N PHE D 116 -43.25 19.10 24.36
CA PHE D 116 -43.86 18.96 23.06
C PHE D 116 -44.32 17.53 22.88
N ILE D 117 -45.43 17.36 22.16
CA ILE D 117 -46.01 16.05 21.87
C ILE D 117 -46.12 15.90 20.36
N PHE D 118 -45.79 14.72 19.85
CA PHE D 118 -45.81 14.43 18.42
C PHE D 118 -46.71 13.24 18.14
N PRO D 119 -47.70 13.34 17.25
CA PRO D 119 -48.51 12.17 16.91
C PRO D 119 -47.75 11.24 15.98
N PRO D 120 -48.21 10.00 15.80
CA PRO D 120 -47.57 9.12 14.80
C PRO D 120 -47.83 9.66 13.40
N SER D 121 -46.96 9.26 12.47
CA SER D 121 -47.09 9.66 11.09
C SER D 121 -48.09 8.75 10.37
N ASP D 122 -48.71 9.31 9.32
CA ASP D 122 -49.56 8.47 8.48
C ASP D 122 -48.76 7.37 7.80
N GLU D 123 -47.48 7.61 7.50
CA GLU D 123 -46.66 6.58 6.90
C GLU D 123 -46.47 5.40 7.85
N GLN D 124 -46.21 5.68 9.14
CA GLN D 124 -45.99 4.57 10.07
C GLN D 124 -47.26 3.77 10.31
N LEU D 125 -48.42 4.42 10.29
CA LEU D 125 -49.67 3.72 10.59
C LEU D 125 -49.97 2.65 9.54
N LYS D 126 -49.54 2.86 8.30
CA LYS D 126 -49.69 1.81 7.29
C LYS D 126 -48.94 0.55 7.69
N SER D 127 -47.85 0.69 8.44
CA SER D 127 -47.08 -0.44 8.91
C SER D 127 -47.74 -1.18 10.07
N GLY D 128 -48.85 -0.68 10.60
CA GLY D 128 -49.57 -1.34 11.67
C GLY D 128 -49.13 -0.98 13.07
N THR D 129 -48.27 0.03 13.23
CA THR D 129 -47.77 0.48 14.51
C THR D 129 -47.91 1.99 14.60
N ALA D 130 -48.05 2.50 15.82
CA ALA D 130 -48.23 3.92 16.08
C ALA D 130 -47.33 4.33 17.24
N SER D 131 -46.33 5.16 16.95
CA SER D 131 -45.42 5.68 17.96
C SER D 131 -45.81 7.13 18.27
N VAL D 132 -46.09 7.42 19.53
CA VAL D 132 -46.39 8.76 20.01
C VAL D 132 -45.23 9.20 20.88
N VAL D 133 -44.69 10.38 20.59
CA VAL D 133 -43.45 10.86 21.21
C VAL D 133 -43.76 12.11 22.02
N CYS D 134 -43.24 12.16 23.24
CA CYS D 134 -43.28 13.33 24.10
C CYS D 134 -41.86 13.78 24.39
N LEU D 135 -41.56 15.04 24.10
CA LEU D 135 -40.22 15.60 24.25
C LEU D 135 -40.20 16.57 25.42
N LEU D 136 -39.23 16.39 26.30
CA LEU D 136 -38.93 17.33 27.38
C LEU D 136 -37.57 17.95 27.07
N ASN D 137 -37.55 19.26 26.83
CA ASN D 137 -36.38 19.93 26.27
C ASN D 137 -35.72 20.84 27.30
N ASN D 138 -34.42 20.65 27.50
CA ASN D 138 -33.53 21.61 28.15
C ASN D 138 -33.94 21.90 29.59
N PHE D 139 -34.00 20.85 30.42
CA PHE D 139 -34.37 20.95 31.82
C PHE D 139 -33.23 20.53 32.73
N TYR D 140 -33.36 20.90 34.01
CA TYR D 140 -32.44 20.48 35.06
C TYR D 140 -33.20 20.60 36.36
N PRO D 141 -33.04 19.65 37.33
CA PRO D 141 -32.24 18.40 37.32
C PRO D 141 -32.90 17.31 36.48
N ARG D 142 -32.24 16.14 36.39
CA ARG D 142 -32.68 15.11 35.45
C ARG D 142 -34.00 14.48 35.88
N GLU D 143 -34.30 14.48 37.17
CA GLU D 143 -35.48 13.80 37.67
C GLU D 143 -36.74 14.40 37.08
N ALA D 144 -37.57 13.55 36.49
CA ALA D 144 -38.80 14.01 35.86
C ALA D 144 -39.75 12.83 35.76
N LYS D 145 -41.05 13.12 35.90
CA LYS D 145 -42.10 12.12 35.79
C LYS D 145 -42.92 12.42 34.55
N VAL D 146 -42.97 11.45 33.63
CA VAL D 146 -43.73 11.57 32.38
C VAL D 146 -44.85 10.55 32.42
N GLN D 147 -46.09 11.04 32.40
CA GLN D 147 -47.29 10.24 32.43
C GLN D 147 -48.01 10.33 31.09
N TRP D 148 -48.24 9.19 30.46
CA TRP D 148 -49.08 9.13 29.28
C TRP D 148 -50.54 8.91 29.67
N LYS D 149 -51.43 9.62 29.00
CA LYS D 149 -52.87 9.48 29.21
C LYS D 149 -53.54 9.35 27.86
N VAL D 150 -54.38 8.32 27.73
CA VAL D 150 -55.18 8.07 26.53
C VAL D 150 -56.63 8.12 26.98
N ASP D 151 -57.35 9.15 26.53
CA ASP D 151 -58.74 9.40 26.96
C ASP D 151 -58.84 9.47 28.48
N ASN D 152 -57.87 10.14 29.10
CA ASN D 152 -57.70 10.35 30.55
C ASN D 152 -57.26 9.09 31.30
N ALA D 153 -57.13 7.94 30.65
CA ALA D 153 -56.70 6.71 31.31
C ALA D 153 -55.18 6.63 31.35
N LEU D 154 -54.64 6.32 32.53
CA LEU D 154 -53.19 6.22 32.68
C LEU D 154 -52.65 4.97 31.99
N GLN D 155 -51.52 5.11 31.32
CA GLN D 155 -50.87 4.03 30.61
C GLN D 155 -49.69 3.51 31.41
N SER D 156 -49.35 2.23 31.19
CA SER D 156 -48.19 1.64 31.83
C SER D 156 -47.69 0.47 30.99
N GLY D 157 -46.37 0.27 31.03
CA GLY D 157 -45.76 -0.86 30.35
C GLY D 157 -45.67 -0.73 28.85
N ASN D 158 -46.01 0.44 28.29
CA ASN D 158 -45.99 0.65 26.85
C ASN D 158 -45.24 1.93 26.48
N SER D 159 -44.36 2.42 27.35
CA SER D 159 -43.57 3.61 27.09
C SER D 159 -42.11 3.36 27.43
N GLN D 160 -41.22 3.90 26.60
CA GLN D 160 -39.78 3.83 26.80
C GLN D 160 -39.20 5.23 26.78
N GLU D 161 -38.29 5.51 27.71
CA GLU D 161 -37.64 6.81 27.83
C GLU D 161 -36.20 6.74 27.33
N SER D 162 -35.71 7.88 26.86
CA SER D 162 -34.31 8.10 26.59
C SER D 162 -33.95 9.51 27.03
N VAL D 163 -32.78 9.66 27.66
CA VAL D 163 -32.29 10.93 28.18
C VAL D 163 -30.97 11.24 27.50
N THR D 164 -30.78 12.49 27.08
CA THR D 164 -29.47 12.91 26.63
C THR D 164 -28.51 13.03 27.82
N GLU D 165 -27.23 13.14 27.50
CA GLU D 165 -26.25 13.55 28.48
C GLU D 165 -26.24 15.07 28.60
N GLN D 166 -25.70 15.56 29.72
CA GLN D 166 -25.74 17.00 30.00
C GLN D 166 -25.13 17.79 28.84
N ASP D 167 -25.84 18.83 28.43
CA ASP D 167 -25.39 19.67 27.33
C ASP D 167 -24.09 20.37 27.71
N SER D 168 -23.14 20.39 26.78
CA SER D 168 -21.82 20.94 27.05
C SER D 168 -21.81 22.46 27.23
N LYS D 169 -22.89 23.15 26.87
CA LYS D 169 -22.97 24.61 26.96
C LYS D 169 -23.88 25.09 28.07
N ASP D 170 -25.10 24.54 28.23
CA ASP D 170 -26.02 24.98 29.28
C ASP D 170 -26.24 23.94 30.39
N SER D 171 -25.60 22.77 30.31
CA SER D 171 -25.64 21.74 31.35
C SER D 171 -27.03 21.16 31.58
N THR D 172 -27.96 21.32 30.64
CA THR D 172 -29.29 20.75 30.75
C THR D 172 -29.39 19.36 30.10
N TYR D 173 -30.48 18.68 30.44
CA TYR D 173 -30.90 17.44 29.84
C TYR D 173 -32.09 17.69 28.93
N SER D 174 -32.26 16.80 27.96
CA SER D 174 -33.49 16.65 27.22
C SER D 174 -33.88 15.18 27.28
N LEU D 175 -35.17 14.91 27.23
CA LEU D 175 -35.70 13.57 27.43
C LEU D 175 -36.83 13.33 26.45
N SER D 176 -36.90 12.10 25.94
CA SER D 176 -37.99 11.66 25.08
C SER D 176 -38.68 10.51 25.78
N SER D 177 -40.00 10.47 25.65
CA SER D 177 -40.80 9.31 26.06
C SER D 177 -41.61 8.90 24.83
N THR D 178 -41.57 7.61 24.52
CA THR D 178 -42.17 7.09 23.29
C THR D 178 -43.23 6.06 23.68
N LEU D 179 -44.50 6.45 23.54
CA LEU D 179 -45.62 5.54 23.68
C LEU D 179 -45.82 4.79 22.37
N THR D 180 -45.81 3.45 22.42
CA THR D 180 -45.95 2.62 21.24
C THR D 180 -47.24 1.83 21.32
N LEU D 181 -48.04 1.89 20.25
CA LEU D 181 -49.32 1.24 20.17
C LEU D 181 -49.49 0.55 18.82
N SER D 182 -50.37 -0.42 18.80
CA SER D 182 -50.83 -0.98 17.53
C SER D 182 -51.70 0.07 16.83
N LYS D 183 -51.77 -0.05 15.50
CA LYS D 183 -52.65 0.82 14.73
C LYS D 183 -54.08 0.73 15.25
N ALA D 184 -54.55 -0.50 15.48
CA ALA D 184 -55.93 -0.70 15.94
C ALA D 184 -56.17 -0.04 17.29
N ASP D 185 -55.27 -0.24 18.25
CA ASP D 185 -55.41 0.41 19.55
C ASP D 185 -55.38 1.92 19.41
N TYR D 186 -54.55 2.44 18.51
CA TYR D 186 -54.51 3.87 18.26
C TYR D 186 -55.84 4.36 17.68
N GLU D 187 -56.52 3.53 16.88
CA GLU D 187 -57.84 3.91 16.39
C GLU D 187 -58.87 3.98 17.51
N LYS D 188 -58.72 3.18 18.58
CA LYS D 188 -59.77 3.08 19.59
C LYS D 188 -60.00 4.38 20.37
N HIS D 189 -59.06 5.32 20.36
CA HIS D 189 -59.09 6.45 21.27
C HIS D 189 -58.78 7.75 20.54
N LYS D 190 -59.01 8.87 21.24
CA LYS D 190 -58.98 10.20 20.64
C LYS D 190 -57.95 11.13 21.29
N VAL D 191 -57.99 11.29 22.60
CA VAL D 191 -57.20 12.31 23.29
C VAL D 191 -55.92 11.66 23.80
N TYR D 192 -54.79 12.09 23.25
CA TYR D 192 -53.47 11.57 23.62
C TYR D 192 -52.73 12.68 24.34
N ALA D 193 -52.30 12.42 25.57
CA ALA D 193 -51.75 13.44 26.43
C ALA D 193 -50.47 12.96 27.11
N CYS D 194 -49.59 13.94 27.34
CA CYS D 194 -48.31 13.73 28.01
C CYS D 194 -48.28 14.70 29.19
N GLU D 195 -48.27 14.16 30.41
CA GLU D 195 -48.25 14.97 31.63
C GLU D 195 -46.86 14.92 32.23
N VAL D 196 -46.30 16.09 32.47
CA VAL D 196 -44.92 16.24 32.92
C VAL D 196 -44.92 16.90 34.29
N THR D 197 -44.28 16.24 35.25
CA THR D 197 -44.03 16.79 36.57
C THR D 197 -42.53 17.02 36.71
N HIS D 198 -42.16 18.22 37.14
CA HIS D 198 -40.75 18.58 37.27
C HIS D 198 -40.63 19.70 38.28
N GLN D 199 -39.51 19.67 39.01
CA GLN D 199 -39.23 20.60 40.11
C GLN D 199 -39.38 22.07 39.67
N GLY D 200 -38.96 22.38 38.45
CA GLY D 200 -39.07 23.73 37.92
C GLY D 200 -40.45 24.16 37.49
N LEU D 201 -41.43 23.25 37.45
CA LEU D 201 -42.80 23.58 37.11
C LEU D 201 -43.61 23.80 38.38
N SER D 202 -44.32 24.93 38.45
CA SER D 202 -45.15 25.20 39.62
C SER D 202 -46.27 24.19 39.76
N SER D 203 -46.75 23.64 38.65
CA SER D 203 -47.68 22.51 38.68
C SER D 203 -47.48 21.72 37.41
N PRO D 204 -47.99 20.48 37.35
CA PRO D 204 -47.78 19.65 36.15
C PRO D 204 -48.29 20.29 34.87
N VAL D 205 -47.51 20.12 33.81
CA VAL D 205 -47.83 20.63 32.48
C VAL D 205 -48.28 19.45 31.63
N THR D 206 -49.39 19.64 30.92
CA THR D 206 -49.92 18.62 30.02
C THR D 206 -49.94 19.18 28.60
N LYS D 207 -49.42 18.39 27.67
CA LYS D 207 -49.51 18.63 26.23
C LYS D 207 -50.29 17.48 25.63
N SER D 208 -51.18 17.79 24.69
CA SER D 208 -52.04 16.75 24.14
C SER D 208 -52.42 17.10 22.70
N PHE D 209 -52.86 16.07 21.98
CA PHE D 209 -53.45 16.23 20.66
C PHE D 209 -54.65 15.30 20.58
N ASN D 210 -55.54 15.62 19.64
CA ASN D 210 -56.70 14.80 19.32
C ASN D 210 -56.47 14.14 17.97
N ARG D 211 -56.52 12.81 17.95
CA ARG D 211 -56.21 12.04 16.75
C ARG D 211 -57.07 12.48 15.58
N GLY D 212 -56.42 12.70 14.44
CA GLY D 212 -57.13 13.14 13.26
C GLY D 212 -57.57 14.59 13.29
N GLU D 213 -56.91 15.43 14.10
CA GLU D 213 -57.37 16.78 14.35
C GLU D 213 -56.18 17.73 14.37
N CYS D 214 -56.17 18.68 13.44
CA CYS D 214 -55.16 19.73 13.39
C CYS D 214 -53.76 19.15 13.21
N ALA E 5 21.13 -13.24 18.46
CA ALA E 5 21.77 -12.32 17.53
C ALA E 5 21.12 -12.41 16.13
N ARG E 6 20.43 -13.51 15.85
CA ARG E 6 19.59 -13.56 14.66
C ARG E 6 18.36 -12.68 14.83
N ARG E 7 17.87 -12.56 16.07
CA ARG E 7 16.83 -11.58 16.35
C ARG E 7 17.30 -10.16 16.02
N CYS E 8 18.55 -9.84 16.38
CA CYS E 8 19.09 -8.51 16.11
C CYS E 8 19.17 -8.23 14.61
N GLN E 9 19.67 -9.21 13.85
CA GLN E 9 19.82 -9.02 12.40
C GLN E 9 18.47 -8.75 11.75
N SER E 10 17.42 -9.42 12.21
CA SER E 10 16.10 -9.26 11.59
C SER E 10 15.53 -7.88 11.85
N GLN E 11 15.66 -7.35 13.07
CA GLN E 11 15.08 -6.03 13.32
C GLN E 11 15.94 -4.92 12.72
N LEU E 12 17.25 -5.11 12.63
CA LEU E 12 18.06 -4.12 11.92
C LEU E 12 17.71 -4.11 10.43
N GLU E 13 17.38 -5.27 9.86
CA GLU E 13 16.98 -5.33 8.46
C GLU E 13 15.70 -4.54 8.22
N ARG E 14 14.75 -4.62 9.15
CA ARG E 14 13.48 -3.91 9.04
C ARG E 14 13.54 -2.49 9.60
N ALA E 15 14.59 -2.14 10.32
CA ALA E 15 14.69 -0.80 10.87
C ALA E 15 14.89 0.22 9.75
N ASN E 16 14.47 1.45 10.03
CA ASN E 16 14.62 2.57 9.11
C ASN E 16 15.40 3.66 9.82
N LEU E 17 16.73 3.62 9.71
CA LEU E 17 17.59 4.58 10.39
C LEU E 17 17.97 5.77 9.51
N ARG E 18 17.29 5.96 8.38
CA ARG E 18 17.47 7.19 7.60
C ARG E 18 17.19 8.46 8.41
N PRO E 19 16.14 8.54 9.24
CA PRO E 19 15.96 9.75 10.06
C PRO E 19 17.16 10.07 10.93
N CYS E 20 17.88 9.04 11.41
CA CYS E 20 19.08 9.30 12.20
C CYS E 20 20.16 9.95 11.36
N GLU E 21 20.31 9.52 10.11
CA GLU E 21 21.28 10.15 9.22
C GLU E 21 20.93 11.61 9.01
N GLN E 22 19.67 11.89 8.71
CA GLN E 22 19.27 13.26 8.41
C GLN E 22 19.38 14.15 9.64
N HIS E 23 18.96 13.65 10.81
CA HIS E 23 19.07 14.44 12.03
C HIS E 23 20.53 14.78 12.35
N LEU E 24 21.41 13.78 12.27
CA LEU E 24 22.82 14.02 12.59
C LEU E 24 23.42 15.06 11.64
N MET E 25 23.08 14.98 10.36
CA MET E 25 23.58 15.96 9.40
C MET E 25 23.01 17.35 9.65
N GLN E 26 21.71 17.45 9.96
CA GLN E 26 21.14 18.74 10.35
C GLN E 26 21.90 19.32 11.53
N LYS E 27 22.21 18.45 12.50
CA LYS E 27 22.82 18.89 13.74
C LYS E 27 24.18 19.54 13.51
N ILE E 28 25.01 18.97 12.62
CA ILE E 28 26.35 19.53 12.43
C ILE E 28 26.28 20.82 11.63
N GLN E 29 25.35 20.90 10.66
CA GLN E 29 25.20 22.13 9.89
C GLN E 29 24.79 23.30 10.77
N ARG E 30 24.04 23.03 11.85
CA ARG E 30 23.76 24.08 12.83
C ARG E 30 25.04 24.58 13.48
N ASP E 31 25.95 23.68 13.81
CA ASP E 31 27.24 24.05 14.38
C ASP E 31 28.27 24.27 13.28
N SER E 60 12.54 18.41 10.96
CA SER E 60 11.87 18.83 12.18
C SER E 60 11.57 17.65 13.09
N GLN E 61 10.99 16.60 12.51
CA GLN E 61 10.71 15.36 13.22
C GLN E 61 11.74 14.28 12.94
N HIS E 62 12.88 14.62 12.34
CA HIS E 62 13.92 13.62 12.09
C HIS E 62 14.44 13.04 13.39
N GLN E 63 14.73 13.89 14.37
CA GLN E 63 15.22 13.40 15.66
C GLN E 63 14.22 12.44 16.29
N GLU E 64 12.95 12.84 16.40
CA GLU E 64 11.98 12.00 17.09
C GLU E 64 11.82 10.66 16.37
N ARG E 65 11.72 10.69 15.05
CA ARG E 65 11.62 9.42 14.31
C ARG E 65 12.87 8.58 14.51
N CYS E 66 14.05 9.22 14.55
CA CYS E 66 15.28 8.49 14.83
C CYS E 66 15.23 7.82 16.20
N CYS E 67 14.89 8.59 17.24
CA CYS E 67 14.84 8.04 18.60
C CYS E 67 13.80 6.93 18.72
N ASN E 68 12.65 7.10 18.06
CA ASN E 68 11.68 6.01 17.97
C ASN E 68 12.34 4.74 17.44
N GLU E 69 13.08 4.84 16.34
CA GLU E 69 13.72 3.67 15.76
C GLU E 69 14.75 3.07 16.71
N LEU E 70 15.58 3.92 17.33
CA LEU E 70 16.61 3.44 18.24
C LEU E 70 16.01 2.87 19.53
N ASN E 71 14.81 3.31 19.90
CA ASN E 71 14.16 2.77 21.08
C ASN E 71 13.93 1.27 20.96
N GLU E 72 13.78 0.77 19.73
CA GLU E 72 13.60 -0.66 19.50
C GLU E 72 14.82 -1.48 19.92
N PHE E 73 15.99 -0.85 20.06
CA PHE E 73 17.23 -1.53 20.43
C PHE E 73 17.66 -1.26 21.87
N GLU E 74 16.86 -0.54 22.66
CA GLU E 74 17.30 -0.18 24.00
C GLU E 74 17.50 -1.40 24.89
N ASN E 75 16.71 -2.46 24.68
CA ASN E 75 16.77 -3.65 25.52
C ASN E 75 17.93 -4.59 25.17
N ASN E 76 18.74 -4.27 24.16
CA ASN E 76 19.90 -5.09 23.77
C ASN E 76 21.03 -4.13 23.42
N GLN E 77 21.97 -3.97 24.34
CA GLN E 77 23.04 -2.99 24.14
C GLN E 77 23.91 -3.37 22.94
N ARG E 78 24.14 -4.66 22.72
CA ARG E 78 24.95 -5.08 21.58
C ARG E 78 24.26 -4.73 20.27
N CYS E 79 22.94 -4.91 20.19
CA CYS E 79 22.21 -4.55 18.98
C CYS E 79 22.17 -3.04 18.78
N MET E 80 22.06 -2.28 19.89
CA MET E 80 22.12 -0.81 19.78
C MET E 80 23.43 -0.36 19.16
N CYS E 81 24.55 -0.94 19.60
CA CYS E 81 25.84 -0.54 19.03
C CYS E 81 25.92 -0.93 17.56
N GLU E 82 25.36 -2.09 17.18
CA GLU E 82 25.36 -2.48 15.78
C GLU E 82 24.58 -1.48 14.93
N ALA E 83 23.48 -0.95 15.47
CA ALA E 83 22.71 0.05 14.73
C ALA E 83 23.53 1.31 14.48
N LEU E 84 24.25 1.78 15.51
CA LEU E 84 25.11 2.94 15.33
C LEU E 84 26.24 2.64 14.34
N GLN E 85 26.80 1.43 14.40
CA GLN E 85 27.82 1.03 13.43
C GLN E 85 27.29 1.07 12.01
N GLN E 86 26.06 0.61 11.79
CA GLN E 86 25.51 0.61 10.44
C GLN E 86 25.23 2.03 9.96
N ILE E 87 24.88 2.95 10.87
CA ILE E 87 24.74 4.35 10.45
C ILE E 87 26.09 4.91 10.03
N MET E 88 27.15 4.58 10.78
CA MET E 88 28.48 5.06 10.42
C MET E 88 28.94 4.44 9.10
N GLU E 89 28.68 3.13 8.90
CA GLU E 89 29.04 2.47 7.65
C GLU E 89 28.42 3.17 6.46
N ASN E 90 27.11 3.43 6.53
CA ASN E 90 26.39 4.00 5.41
C ASN E 90 26.76 5.46 5.15
N GLN E 91 27.41 6.13 6.10
CA GLN E 91 27.75 7.54 5.98
C GLN E 91 29.17 7.78 5.51
N SER E 92 29.97 6.73 5.28
CA SER E 92 31.35 6.89 4.86
C SER E 92 31.47 7.66 3.55
N ASP E 93 30.59 7.36 2.58
CA ASP E 93 30.67 8.02 1.29
C ASP E 93 30.42 9.52 1.42
N ARG E 94 29.56 9.92 2.35
CA ARG E 94 29.19 11.32 2.53
C ARG E 94 30.18 12.13 3.37
N LEU E 95 31.21 11.49 3.94
CA LEU E 95 32.17 12.15 4.82
C LEU E 95 33.54 12.18 4.15
N GLN E 96 34.16 13.36 4.13
CA GLN E 96 35.49 13.57 3.56
C GLN E 96 36.44 14.04 4.65
N GLY E 97 37.52 13.30 4.86
CA GLY E 97 38.54 13.69 5.80
C GLY E 97 38.21 13.32 7.23
N ARG E 98 39.26 13.21 8.04
CA ARG E 98 39.10 12.77 9.42
C ARG E 98 38.32 13.77 10.27
N GLN E 99 38.44 15.06 9.95
CA GLN E 99 37.71 16.08 10.72
C GLN E 99 36.21 15.90 10.56
N GLN E 100 35.74 15.71 9.33
CA GLN E 100 34.33 15.42 9.10
C GLN E 100 33.93 14.10 9.76
N GLU E 101 34.78 13.08 9.64
CA GLU E 101 34.48 11.77 10.23
C GLU E 101 34.39 11.86 11.74
N GLN E 102 35.35 12.56 12.36
CA GLN E 102 35.31 12.71 13.82
C GLN E 102 34.08 13.49 14.26
N GLN E 103 33.75 14.56 13.53
CA GLN E 103 32.63 15.41 13.89
C GLN E 103 31.32 14.63 13.84
N PHE E 104 31.15 13.79 12.82
CA PHE E 104 29.97 12.94 12.73
C PHE E 104 30.00 11.81 13.77
N LYS E 105 31.18 11.26 14.03
CA LYS E 105 31.27 10.14 14.96
C LYS E 105 30.93 10.55 16.38
N ARG E 106 31.31 11.77 16.77
CA ARG E 106 30.99 12.27 18.10
C ARG E 106 29.48 12.33 18.31
N GLU E 107 28.77 12.96 17.37
CA GLU E 107 27.32 13.08 17.50
C GLU E 107 26.66 11.71 17.51
N LEU E 108 27.16 10.78 16.71
CA LEU E 108 26.59 9.44 16.67
C LEU E 108 26.74 8.75 18.03
N ARG E 109 27.91 8.90 18.66
CA ARG E 109 28.13 8.29 19.96
C ARG E 109 27.18 8.85 21.01
N ASN E 110 26.84 10.13 20.93
CA ASN E 110 25.94 10.76 21.88
C ASN E 110 24.47 10.61 21.51
N LEU E 111 24.17 10.00 20.37
CA LEU E 111 22.78 9.96 19.89
C LEU E 111 21.84 9.21 20.82
N PRO E 112 22.18 8.04 21.39
CA PRO E 112 21.25 7.42 22.34
C PRO E 112 20.99 8.30 23.56
N GLN E 113 22.04 8.93 24.11
CA GLN E 113 21.88 9.85 25.24
C GLN E 113 20.95 11.01 24.88
N GLN E 114 21.16 11.61 23.70
CA GLN E 114 20.29 12.69 23.28
C GLN E 114 18.88 12.20 23.00
N CYS E 115 18.71 10.91 22.76
CA CYS E 115 17.39 10.31 22.60
C CYS E 115 16.77 9.86 23.92
N GLY E 116 17.44 10.06 25.05
CA GLY E 116 16.93 9.58 26.32
C GLY E 116 16.94 8.07 26.45
N LEU E 117 17.87 7.40 25.75
CA LEU E 117 18.00 5.95 25.75
C LEU E 117 19.34 5.56 26.38
N ARG E 118 19.38 4.37 26.96
CA ARG E 118 20.63 3.84 27.49
C ARG E 118 21.58 3.51 26.35
N ALA E 119 22.83 3.99 26.46
CA ALA E 119 23.85 3.83 25.45
C ALA E 119 24.74 2.62 25.74
N PRO E 120 25.39 2.04 24.74
CA PRO E 120 26.31 0.94 25.02
C PRO E 120 27.59 1.45 25.67
N GLN E 121 28.07 0.71 26.66
CA GLN E 121 29.31 1.09 27.35
C GLN E 121 30.48 1.10 26.38
N ARG E 122 30.79 -0.06 25.81
CA ARG E 122 31.80 -0.19 24.78
C ARG E 122 31.12 -0.25 23.41
N CYS E 123 31.61 0.57 22.49
CA CYS E 123 31.07 0.54 21.12
C CYS E 123 32.10 1.19 20.19
N ASP E 124 32.77 0.36 19.40
CA ASP E 124 33.73 0.83 18.40
C ASP E 124 32.98 1.16 17.12
N LEU E 125 33.12 2.41 16.65
CA LEU E 125 32.43 2.87 15.45
C LEU E 125 33.42 2.90 14.28
N ASP E 126 33.69 1.71 13.75
CA ASP E 126 34.58 1.54 12.60
C ASP E 126 34.00 0.50 11.64
C1 EDO F . 6.41 -14.92 5.86
O1 EDO F . 7.15 -13.70 6.03
C2 EDO F . 7.34 -16.14 5.84
O2 EDO F . 8.26 -16.11 6.95
H11 EDO F . 5.85 -14.88 4.94
H12 EDO F . 5.69 -15.03 6.69
HO1 EDO F . 6.54 -12.96 6.09
H21 EDO F . 7.90 -16.14 4.91
H22 EDO F . 6.75 -17.05 5.88
HO2 EDO F . 8.78 -16.93 6.95
CL CL G . 30.46 -13.68 0.61
S SO4 H . 15.62 -21.41 -20.32
O1 SO4 H . 14.32 -20.74 -20.46
O2 SO4 H . 15.67 -22.20 -19.08
O3 SO4 H . 16.65 -20.37 -20.32
O4 SO4 H . 15.86 -22.27 -21.48
CL CL I . 18.72 -28.14 -49.42
CL CL J . 29.21 -3.28 -5.47
S SO4 K . 32.22 -4.41 -22.75
O1 SO4 K . 32.09 -5.57 -21.87
O2 SO4 K . 32.05 -3.19 -21.97
O3 SO4 K . 33.51 -4.42 -23.41
O4 SO4 K . 31.19 -4.47 -23.78
C1 NAG L . -6.27 -6.63 28.60
C2 NAG L . -6.53 -5.37 29.42
C3 NAG L . -7.63 -5.63 30.43
C4 NAG L . -8.87 -6.16 29.75
C5 NAG L . -8.54 -7.38 28.89
C6 NAG L . -9.71 -7.83 28.04
C7 NAG L . -5.00 -3.63 30.26
C8 NAG L . -3.72 -3.38 30.97
N2 NAG L . -5.31 -4.92 30.09
O3 NAG L . -7.93 -4.40 31.10
O4 NAG L . -9.87 -6.52 30.72
O5 NAG L . -7.49 -7.06 27.99
O6 NAG L . -9.60 -9.20 27.69
O7 NAG L . -5.71 -2.72 29.85
H2 NAG L . -6.83 -4.67 28.81
H3 NAG L . -7.32 -6.28 31.09
H4 NAG L . -9.24 -5.46 29.17
H5 NAG L . -8.26 -8.11 29.47
H61 NAG L . -9.73 -7.29 27.22
H62 NAG L . -10.54 -7.69 28.54
H81 NAG L . -3.06 -4.04 30.72
H82 NAG L . -3.88 -3.42 31.94
H83 NAG L . -3.38 -2.49 30.74
HN2 NAG L . -4.74 -5.55 30.41
HO3 NAG L . -8.82 -4.33 31.17
HO6 NAG L . -10.40 -9.50 27.44
C1 EDO M . -18.48 9.03 6.84
O1 EDO M . -17.38 9.54 7.62
C2 EDO M . -19.34 8.11 7.71
O2 EDO M . -19.79 8.84 8.87
H11 EDO M . -18.10 8.47 5.99
H12 EDO M . -19.09 9.85 6.48
HO1 EDO M . -16.84 10.11 7.06
H21 EDO M . -18.76 7.25 8.03
H22 EDO M . -20.20 7.76 7.14
HO2 EDO M . -20.34 8.28 9.42
C1 EDO N . -20.85 0.52 23.80
O1 EDO N . -21.02 -0.89 23.58
C2 EDO N . -19.62 0.75 24.67
O2 EDO N . -19.47 2.14 25.00
H11 EDO N . -21.73 0.92 24.31
H12 EDO N . -20.74 1.03 22.85
HO1 EDO N . -21.80 -1.04 23.03
H21 EDO N . -18.73 0.42 24.13
H22 EDO N . -19.70 0.16 25.58
HO2 EDO N . -18.68 2.26 25.54
CL CL O . 9.37 0.94 25.45
CL CL P . -26.70 24.75 20.63
CL CL Q . 5.59 13.17 7.21
C1 EDO R . -18.85 9.91 29.15
O1 EDO R . -17.64 9.43 28.54
C2 EDO R . -18.73 11.41 29.42
O2 EDO R . -19.07 11.69 30.80
H11 EDO R . -19.70 9.74 28.48
H12 EDO R . -19.03 9.38 30.07
HO1 EDO R . -17.74 8.48 28.37
H21 EDO R . -19.40 11.97 28.76
H22 EDO R . -17.70 11.74 29.22
HO2 EDO R . -18.99 12.64 30.96
C1 EDO S . 5.03 18.09 41.34
O1 EDO S . 4.25 19.04 40.60
C2 EDO S . 4.65 18.10 42.82
O2 EDO S . 5.42 17.10 43.50
H11 EDO S . 6.09 18.33 41.24
H12 EDO S . 4.88 17.09 40.94
HO1 EDO S . 4.52 19.00 39.67
H21 EDO S . 3.58 17.90 42.93
H22 EDO S . 4.86 19.09 43.26
HO2 EDO S . 5.18 17.10 44.44
CL CL T . -46.98 11.51 6.96
C1 EDO U . 7.39 12.87 36.74
O1 EDO U . 6.96 13.05 38.10
C2 EDO U . 7.63 14.23 36.08
O2 EDO U . 9.00 14.39 35.70
H11 EDO U . 8.32 12.30 36.72
H12 EDO U . 6.64 12.32 36.19
HO1 EDO U . 6.82 12.18 38.51
H21 EDO U . 7.00 14.31 35.20
H22 EDO U . 7.35 15.02 36.77
HO2 EDO U . 9.13 15.25 35.29
S SO4 V . -6.97 30.02 28.88
O1 SO4 V . -6.53 31.40 28.67
O2 SO4 V . -7.79 29.99 30.08
O3 SO4 V . -5.80 29.17 29.04
O4 SO4 V . -7.74 29.53 27.73
S SO4 W . 12.53 8.63 5.49
O1 SO4 W . 12.24 10.01 5.08
O2 SO4 W . 11.33 8.02 6.06
O3 SO4 W . 12.97 7.84 4.33
O4 SO4 W . 13.58 8.64 6.49
#